data_7Y0R
#
_entry.id   7Y0R
#
_cell.length_a   59.034
_cell.length_b   149.907
_cell.length_c   65.763
_cell.angle_alpha   90.000
_cell.angle_beta   100.580
_cell.angle_gamma   90.000
#
_symmetry.space_group_name_H-M   'P 1 21 1'
#
loop_
_entity.id
_entity.type
_entity.pdbx_description
1 polymer 'Bifunctional cytochrome P450/NADPH--P450 reductase'
2 non-polymer 'PROTOPORPHYRIN IX CONTAINING FE'
3 non-polymer HYDROXYAMINE
4 non-polymer '(2S)-2-(6-imidazol-1-ylhexanoylamino)-3-phenyl-propanoic acid'
5 non-polymer 4-METHYLANILINE
6 water water
#
_entity_poly.entity_id   1
_entity_poly.type   'polypeptide(L)'
_entity_poly.pdbx_seq_one_letter_code
;GMTIKEMPQPKTFGELKNLPLLNTDKPVQALMKIADELGEIFKFEAPGRVTRYLSSQRLIKEACDESRFDKNLSQALKFS
RDFAGDGLLTSWTHEKNWKKAHNILLPSFSQQAMKGYHAMMVDIAVQLVQKWERLNADEHIEVPEDMTRLTLDTIGLCGF
NYRFNSFYRDQPHPFITSMVRALDEVMNKLQRANPDDPAYDENKRQFQEDIKVMNDLVDKIIADRKASGEQSDDLLTHML
NGKDPETGEPLDDENIRYQIITFLIAGHETTSGLLSFALYFLVKNPHVLQKAAEEAARVLVDPVPSYKQVKQLKYVGMVL
NEALRLWPTAPAFSLYAKEDTVLGGEYPLEKGDELMVLIPQLHRDKTIWGDDVEEFRPERFENPSAIPQHAFKPFGNGQR
ACIGQQFALHEATLVLGMMLKHFDFEDHTNYELDIKETLTLKPEGFVVKAKSKKIPLLEHHHHHH
;
_entity_poly.pdbx_strand_id   A,B
#
loop_
_chem_comp.id
_chem_comp.type
_chem_comp.name
_chem_comp.formula
4MN non-polymer 4-METHYLANILINE 'C7 H9 N'
HEM non-polymer 'PROTOPORPHYRIN IX CONTAINING FE' 'C34 H32 Fe N4 O4'
HOA non-polymer HYDROXYAMINE 'H3 N O'
IC6 non-polymer '(2S)-2-(6-imidazol-1-ylhexanoylamino)-3-phenyl-propanoic acid' 'C18 H23 N3 O3'
#
# COMPACT_ATOMS: atom_id res chain seq x y z
N LYS A 5 -31.38 3.60 15.88
CA LYS A 5 -30.89 3.14 17.17
C LYS A 5 -31.26 1.68 17.42
N GLU A 6 -32.53 1.32 17.16
CA GLU A 6 -33.02 -0.04 17.33
C GLU A 6 -32.73 -0.87 16.08
N MET A 7 -32.11 -2.03 16.28
CA MET A 7 -31.63 -2.81 15.15
C MET A 7 -32.66 -3.87 14.73
N PRO A 8 -32.96 -4.01 13.45
CA PRO A 8 -33.90 -5.05 13.01
C PRO A 8 -33.33 -6.44 13.21
N GLN A 9 -34.21 -7.44 13.13
CA GLN A 9 -33.85 -8.83 13.32
C GLN A 9 -34.88 -9.73 12.65
N PRO A 10 -34.45 -10.70 11.84
CA PRO A 10 -35.41 -11.57 11.13
C PRO A 10 -36.18 -12.51 12.06
N LYS A 11 -37.07 -13.31 11.48
CA LYS A 11 -37.98 -14.14 12.28
C LYS A 11 -37.21 -15.16 13.11
N THR A 12 -37.77 -15.49 14.27
CA THR A 12 -37.11 -16.34 15.26
C THR A 12 -37.92 -17.60 15.49
N PHE A 13 -37.23 -18.62 16.00
CA PHE A 13 -37.83 -19.94 16.19
C PHE A 13 -37.72 -20.38 17.65
N GLY A 14 -38.23 -19.56 18.56
CA GLY A 14 -38.17 -19.92 19.98
C GLY A 14 -36.74 -19.93 20.46
N GLU A 15 -36.39 -20.98 21.21
CA GLU A 15 -35.05 -21.05 21.81
C GLU A 15 -33.94 -21.20 20.78
N LEU A 16 -34.27 -21.58 19.55
CA LEU A 16 -33.26 -21.62 18.50
C LEU A 16 -32.97 -20.25 17.90
N LYS A 17 -33.78 -19.24 18.22
CA LYS A 17 -33.60 -17.86 17.75
C LYS A 17 -33.59 -17.85 16.22
N ASN A 18 -32.55 -17.34 15.56
CA ASN A 18 -32.55 -17.24 14.11
C ASN A 18 -31.85 -18.42 13.43
N LEU A 19 -31.32 -19.38 14.19
CA LEU A 19 -30.52 -20.44 13.60
C LEU A 19 -31.22 -21.25 12.50
N PRO A 20 -32.49 -21.63 12.63
CA PRO A 20 -33.13 -22.40 11.54
C PRO A 20 -33.18 -21.66 10.21
N LEU A 21 -33.00 -20.34 10.22
CA LEU A 21 -32.91 -19.60 8.97
C LEU A 21 -31.71 -20.03 8.14
N LEU A 22 -30.68 -20.57 8.79
CA LEU A 22 -29.49 -21.05 8.10
C LEU A 22 -29.59 -22.50 7.66
N ASN A 23 -30.62 -23.23 8.09
CA ASN A 23 -30.78 -24.63 7.70
C ASN A 23 -31.35 -24.69 6.29
N THR A 24 -30.49 -24.36 5.33
CA THR A 24 -30.81 -24.34 3.91
C THR A 24 -29.53 -24.60 3.13
N ASP A 25 -29.68 -24.94 1.85
CA ASP A 25 -28.51 -25.20 1.03
C ASP A 25 -27.92 -23.93 0.42
N LYS A 26 -28.61 -22.80 0.50
CA LYS A 26 -28.13 -21.52 -0.01
C LYS A 26 -28.25 -20.46 1.07
N PRO A 27 -27.42 -20.54 2.12
CA PRO A 27 -27.58 -19.60 3.24
C PRO A 27 -27.13 -18.18 2.93
N VAL A 28 -26.09 -17.99 2.11
CA VAL A 28 -25.66 -16.64 1.77
C VAL A 28 -26.75 -15.93 0.98
N GLN A 29 -27.33 -16.62 0.00
CA GLN A 29 -28.44 -16.04 -0.76
C GLN A 29 -29.65 -15.80 0.14
N ALA A 30 -29.83 -16.63 1.17
CA ALA A 30 -30.90 -16.40 2.13
C ALA A 30 -30.61 -15.16 2.98
N LEU A 31 -29.34 -14.97 3.37
CA LEU A 31 -28.98 -13.77 4.11
C LEU A 31 -29.10 -12.52 3.27
N MET A 32 -28.80 -12.63 1.97
CA MET A 32 -28.98 -11.49 1.06
C MET A 32 -30.45 -11.09 1.00
N LYS A 33 -31.36 -12.07 0.96
CA LYS A 33 -32.79 -11.76 0.90
C LYS A 33 -33.26 -11.07 2.17
N ILE A 34 -32.76 -11.51 3.33
CA ILE A 34 -33.10 -10.83 4.58
C ILE A 34 -32.61 -9.39 4.55
N ALA A 35 -31.41 -9.17 3.98
CA ALA A 35 -30.88 -7.82 3.87
C ALA A 35 -31.77 -6.94 3.00
N ASP A 36 -32.34 -7.52 1.93
CA ASP A 36 -33.25 -6.75 1.09
C ASP A 36 -34.45 -6.26 1.88
N GLU A 37 -34.94 -7.09 2.82
CA GLU A 37 -36.14 -6.73 3.58
C GLU A 37 -35.81 -5.82 4.76
N LEU A 38 -34.66 -6.05 5.42
CA LEU A 38 -34.36 -5.35 6.66
C LEU A 38 -33.39 -4.19 6.50
N GLY A 39 -32.63 -4.13 5.41
CA GLY A 39 -31.77 -3.00 5.17
C GLY A 39 -30.30 -3.22 5.50
N GLU A 40 -29.61 -2.12 5.83
CA GLU A 40 -28.15 -2.11 5.85
C GLU A 40 -27.55 -2.85 7.05
N ILE A 41 -28.33 -3.13 8.10
CA ILE A 41 -27.81 -3.86 9.24
C ILE A 41 -28.96 -4.61 9.91
N PHE A 42 -28.70 -5.85 10.32
CA PHE A 42 -29.67 -6.59 11.11
C PHE A 42 -28.95 -7.50 12.09
N LYS A 43 -29.60 -7.73 13.23
CA LYS A 43 -29.08 -8.63 14.24
C LYS A 43 -29.46 -10.07 13.91
N PHE A 44 -28.54 -10.99 14.15
CA PHE A 44 -28.77 -12.41 13.92
C PHE A 44 -28.32 -13.16 15.16
N GLU A 45 -29.23 -13.88 15.80
CA GLU A 45 -28.94 -14.61 17.02
C GLU A 45 -29.02 -16.11 16.77
N ALA A 46 -28.16 -16.83 17.47
CA ALA A 46 -28.13 -18.29 17.46
C ALA A 46 -27.88 -18.73 18.89
N PRO A 47 -28.08 -19.99 19.24
CA PRO A 47 -27.74 -20.44 20.59
C PRO A 47 -26.27 -20.23 20.90
N GLY A 48 -26.01 -19.35 21.86
CA GLY A 48 -24.65 -19.06 22.27
C GLY A 48 -23.90 -18.01 21.48
N ARG A 49 -24.51 -17.42 20.45
CA ARG A 49 -23.78 -16.44 19.65
C ARG A 49 -24.72 -15.32 19.21
N VAL A 50 -24.16 -14.11 19.13
CA VAL A 50 -24.85 -12.94 18.58
C VAL A 50 -23.91 -12.29 17.56
N THR A 51 -24.45 -11.90 16.42
CA THR A 51 -23.67 -11.15 15.42
C THR A 51 -24.59 -10.19 14.67
N ARG A 52 -23.98 -9.35 13.85
CA ARG A 52 -24.70 -8.33 13.09
C ARG A 52 -24.18 -8.34 11.66
N TYR A 53 -25.09 -8.50 10.70
CA TYR A 53 -24.72 -8.55 9.29
C TYR A 53 -24.82 -7.16 8.67
N LEU A 54 -23.71 -6.68 8.12
CA LEU A 54 -23.65 -5.37 7.50
C LEU A 54 -23.75 -5.48 5.99
N SER A 55 -24.46 -4.53 5.37
CA SER A 55 -24.71 -4.58 3.94
C SER A 55 -24.39 -3.30 3.19
N SER A 56 -24.18 -2.18 3.86
CA SER A 56 -24.00 -0.90 3.18
C SER A 56 -22.54 -0.47 3.24
N GLN A 57 -22.09 0.20 2.19
CA GLN A 57 -20.77 0.82 2.22
C GLN A 57 -20.67 1.83 3.35
N ARG A 58 -21.80 2.44 3.75
CA ARG A 58 -21.79 3.47 4.76
C ARG A 58 -21.30 2.93 6.10
N LEU A 59 -21.78 1.75 6.50
CA LEU A 59 -21.35 1.15 7.76
C LEU A 59 -20.09 0.30 7.61
N ILE A 60 -19.89 -0.33 6.46
CA ILE A 60 -18.73 -1.19 6.26
C ILE A 60 -17.45 -0.36 6.15
N LYS A 61 -17.54 0.88 5.65
CA LYS A 61 -16.36 1.72 5.61
C LYS A 61 -15.86 2.03 7.00
N GLU A 62 -16.75 2.07 7.99
CA GLU A 62 -16.31 2.23 9.37
C GLU A 62 -15.78 0.93 9.95
N ALA A 63 -16.39 -0.20 9.60
CA ALA A 63 -15.95 -1.48 10.13
C ALA A 63 -14.56 -1.84 9.63
N CYS A 64 -14.16 -1.33 8.48
CA CYS A 64 -12.83 -1.61 7.95
C CYS A 64 -11.74 -0.74 8.57
N ASP A 65 -12.09 0.11 9.54
CA ASP A 65 -11.11 0.85 10.32
C ASP A 65 -10.40 -0.10 11.27
N GLU A 66 -9.11 -0.36 11.02
CA GLU A 66 -8.37 -1.34 11.79
C GLU A 66 -8.06 -0.87 13.21
N SER A 67 -8.11 0.44 13.47
CA SER A 67 -7.91 0.93 14.82
C SER A 67 -9.10 0.63 15.72
N ARG A 68 -10.27 0.40 15.14
CA ARG A 68 -11.48 0.11 15.91
C ARG A 68 -11.96 -1.32 15.80
N PHE A 69 -11.59 -2.04 14.74
CA PHE A 69 -12.06 -3.40 14.53
C PHE A 69 -10.92 -4.28 14.06
N ASP A 70 -10.93 -5.53 14.51
CA ASP A 70 -9.95 -6.54 14.13
C ASP A 70 -10.68 -7.70 13.47
N LYS A 71 -9.94 -8.53 12.74
CA LYS A 71 -10.52 -9.72 12.15
C LYS A 71 -11.03 -10.65 13.25
N ASN A 72 -12.27 -11.11 13.08
CA ASN A 72 -12.85 -12.12 13.96
C ASN A 72 -12.90 -13.45 13.22
N LEU A 73 -12.82 -14.54 13.98
CA LEU A 73 -12.98 -15.87 13.42
C LEU A 73 -14.47 -16.22 13.48
N SER A 74 -15.10 -16.28 12.31
CA SER A 74 -16.46 -16.77 12.23
C SER A 74 -16.51 -18.23 12.68
N GLN A 75 -17.73 -18.71 12.93
CA GLN A 75 -17.88 -20.11 13.31
C GLN A 75 -17.35 -21.03 12.22
N ALA A 76 -17.49 -20.63 10.95
CA ALA A 76 -16.95 -21.44 9.86
C ALA A 76 -15.43 -21.55 9.96
N LEU A 77 -14.74 -20.44 10.24
CA LEU A 77 -13.28 -20.49 10.37
C LEU A 77 -12.86 -21.15 11.68
N LYS A 78 -13.66 -20.98 12.74
CA LYS A 78 -13.37 -21.66 14.00
C LYS A 78 -13.37 -23.17 13.80
N PHE A 79 -14.39 -23.70 13.13
CA PHE A 79 -14.45 -25.15 12.88
C PHE A 79 -13.37 -25.60 11.91
N SER A 80 -13.02 -24.76 10.93
CA SER A 80 -12.01 -25.13 9.96
C SER A 80 -10.63 -25.25 10.60
N ARG A 81 -10.48 -24.74 11.81
CA ARG A 81 -9.25 -24.82 12.58
C ARG A 81 -8.87 -26.26 12.91
N ASP A 82 -9.82 -27.20 12.87
CA ASP A 82 -9.50 -28.60 13.14
C ASP A 82 -8.55 -29.20 12.10
N PHE A 83 -8.44 -28.58 10.92
CA PHE A 83 -7.47 -29.02 9.93
C PHE A 83 -6.54 -27.91 9.48
N ALA A 84 -6.96 -26.66 9.55
CA ALA A 84 -6.12 -25.53 9.15
C ALA A 84 -5.35 -24.93 10.33
N GLY A 85 -5.65 -25.35 11.55
CA GLY A 85 -4.85 -24.96 12.72
C GLY A 85 -4.71 -23.46 12.85
N ASP A 86 -3.50 -23.02 13.19
CA ASP A 86 -3.16 -21.60 13.19
C ASP A 86 -2.45 -21.19 11.92
N GLY A 87 -2.84 -21.77 10.78
CA GLY A 87 -2.43 -21.25 9.50
C GLY A 87 -2.91 -19.83 9.30
N LEU A 88 -2.49 -19.24 8.17
CA LEU A 88 -2.68 -17.80 7.98
C LEU A 88 -4.15 -17.41 8.04
N LEU A 89 -5.03 -18.21 7.45
CA LEU A 89 -6.43 -17.79 7.33
C LEU A 89 -7.23 -18.01 8.60
N THR A 90 -6.91 -19.04 9.38
CA THR A 90 -7.73 -19.40 10.54
C THR A 90 -7.09 -19.03 11.87
N SER A 91 -6.06 -18.19 11.87
CA SER A 91 -5.43 -17.76 13.10
C SER A 91 -5.90 -16.36 13.47
N TRP A 92 -5.84 -16.07 14.77
CA TRP A 92 -6.16 -14.73 15.26
C TRP A 92 -4.98 -13.80 15.05
N THR A 93 -5.28 -12.51 14.85
CA THR A 93 -4.22 -11.54 14.59
C THR A 93 -3.22 -11.47 15.74
N HIS A 94 -3.65 -11.79 16.95
CA HIS A 94 -2.77 -11.73 18.12
C HIS A 94 -2.04 -13.05 18.39
N GLU A 95 -2.33 -14.12 17.67
CA GLU A 95 -1.54 -15.34 17.82
C GLU A 95 -0.17 -15.13 17.19
N LYS A 96 0.89 -15.52 17.91
CA LYS A 96 2.26 -15.30 17.46
C LYS A 96 2.48 -15.82 16.04
N ASN A 97 1.82 -16.92 15.69
CA ASN A 97 2.09 -17.54 14.40
C ASN A 97 1.48 -16.77 13.23
N TRP A 98 0.52 -15.86 13.45
CA TRP A 98 0.01 -15.11 12.31
C TRP A 98 1.06 -14.14 11.76
N LYS A 99 1.50 -13.19 12.60
CA LYS A 99 2.45 -12.18 12.13
C LYS A 99 3.74 -12.83 11.64
N LYS A 100 4.21 -13.85 12.35
CA LYS A 100 5.42 -14.56 11.94
C LYS A 100 5.25 -15.14 10.54
N ALA A 101 4.16 -15.87 10.31
CA ALA A 101 3.94 -16.47 9.00
C ALA A 101 3.68 -15.40 7.94
N HIS A 102 2.96 -14.34 8.31
CA HIS A 102 2.70 -13.26 7.37
C HIS A 102 4.01 -12.63 6.89
N ASN A 103 4.96 -12.43 7.80
CA ASN A 103 6.25 -11.85 7.40
C ASN A 103 7.05 -12.80 6.51
N ILE A 104 7.00 -14.09 6.80
CA ILE A 104 7.84 -15.04 6.08
C ILE A 104 7.28 -15.33 4.69
N LEU A 105 5.97 -15.31 4.52
CA LEU A 105 5.34 -15.78 3.29
C LEU A 105 4.91 -14.65 2.35
N LEU A 106 4.74 -13.44 2.84
CA LEU A 106 4.49 -12.30 1.95
C LEU A 106 5.50 -12.19 0.81
N PRO A 107 6.81 -12.41 1.01
CA PRO A 107 7.73 -12.34 -0.14
C PRO A 107 7.44 -13.34 -1.24
N SER A 108 6.85 -14.50 -0.92
CA SER A 108 6.54 -15.46 -1.97
C SER A 108 5.34 -15.03 -2.81
N PHE A 109 4.81 -13.84 -2.58
CA PHE A 109 3.74 -13.28 -3.41
C PHE A 109 4.13 -11.92 -3.97
N SER A 110 5.43 -11.62 -3.99
CA SER A 110 5.95 -10.39 -4.57
C SER A 110 6.00 -10.50 -6.09
N GLN A 111 6.37 -9.39 -6.73
CA GLN A 111 6.42 -9.36 -8.18
C GLN A 111 7.47 -10.32 -8.72
N GLN A 112 8.64 -10.38 -8.07
CA GLN A 112 9.68 -11.30 -8.51
C GLN A 112 9.23 -12.76 -8.32
N ALA A 113 8.44 -13.04 -7.29
CA ALA A 113 7.92 -14.40 -7.13
C ALA A 113 6.88 -14.72 -8.19
N MET A 114 6.01 -13.75 -8.53
CA MET A 114 5.04 -13.96 -9.60
C MET A 114 5.72 -14.33 -10.90
N LYS A 115 6.79 -13.61 -11.27
CA LYS A 115 7.51 -13.91 -12.50
C LYS A 115 8.05 -15.34 -12.48
N GLY A 116 8.48 -15.81 -11.30
CA GLY A 116 8.94 -17.18 -11.19
C GLY A 116 7.82 -18.19 -11.26
N TYR A 117 6.62 -17.81 -10.80
CA TYR A 117 5.46 -18.70 -10.90
C TYR A 117 4.93 -18.82 -12.32
N HIS A 118 5.20 -17.83 -13.16
CA HIS A 118 4.46 -17.68 -14.42
C HIS A 118 4.60 -18.90 -15.33
N ALA A 119 5.81 -19.43 -15.48
CA ALA A 119 6.01 -20.56 -16.38
C ALA A 119 5.15 -21.75 -15.98
N MET A 120 5.07 -22.04 -14.68
CA MET A 120 4.29 -23.19 -14.24
C MET A 120 2.79 -22.92 -14.35
N MET A 121 2.38 -21.66 -14.24
CA MET A 121 0.99 -21.33 -14.54
C MET A 121 0.67 -21.62 -16.00
N VAL A 122 1.58 -21.29 -16.90
CA VAL A 122 1.36 -21.58 -18.31
C VAL A 122 1.31 -23.09 -18.54
N ASP A 123 2.13 -23.85 -17.82
CA ASP A 123 2.12 -25.30 -17.91
C ASP A 123 0.72 -25.85 -17.75
N ILE A 124 0.02 -25.42 -16.69
CA ILE A 124 -1.31 -25.94 -16.41
C ILE A 124 -2.32 -25.37 -17.40
N ALA A 125 -2.19 -24.09 -17.74
CA ALA A 125 -3.12 -23.46 -18.68
C ALA A 125 -3.09 -24.15 -20.05
N VAL A 126 -1.91 -24.61 -20.49
CA VAL A 126 -1.83 -25.28 -21.77
C VAL A 126 -2.53 -26.64 -21.71
N GLN A 127 -2.40 -27.35 -20.59
CA GLN A 127 -3.12 -28.61 -20.44
C GLN A 127 -4.62 -28.38 -20.57
N LEU A 128 -5.12 -27.25 -20.04
CA LEU A 128 -6.53 -26.93 -20.18
C LEU A 128 -6.91 -26.69 -21.63
N VAL A 129 -6.15 -25.85 -22.32
CA VAL A 129 -6.46 -25.53 -23.72
C VAL A 129 -6.41 -26.78 -24.57
N GLN A 130 -5.45 -27.67 -24.29
CA GLN A 130 -5.33 -28.88 -25.09
C GLN A 130 -6.48 -29.84 -24.83
N LYS A 131 -6.97 -29.90 -23.58
CA LYS A 131 -8.13 -30.74 -23.31
C LYS A 131 -9.33 -30.31 -24.16
N TRP A 132 -9.58 -29.00 -24.26
CA TRP A 132 -10.75 -28.51 -24.96
C TRP A 132 -10.59 -28.65 -26.47
N GLU A 133 -9.38 -28.46 -26.98
CA GLU A 133 -9.16 -28.65 -28.40
C GLU A 133 -9.21 -30.11 -28.82
N ARG A 134 -9.16 -31.05 -27.85
CA ARG A 134 -9.22 -32.46 -28.15
C ARG A 134 -10.62 -33.05 -27.96
N LEU A 135 -11.62 -32.21 -27.73
CA LEU A 135 -12.99 -32.69 -27.62
C LEU A 135 -13.56 -33.01 -29.00
N ASN A 136 -14.46 -33.99 -29.05
CA ASN A 136 -15.10 -34.37 -30.30
C ASN A 136 -16.29 -33.46 -30.59
N ALA A 137 -16.92 -33.70 -31.75
CA ALA A 137 -18.07 -32.92 -32.16
C ALA A 137 -19.20 -32.99 -31.14
N ASP A 138 -19.82 -31.84 -30.88
CA ASP A 138 -20.99 -31.70 -30.02
C ASP A 138 -20.73 -32.12 -28.58
N GLU A 139 -19.49 -32.36 -28.20
CA GLU A 139 -19.14 -32.51 -26.80
C GLU A 139 -19.08 -31.14 -26.15
N HIS A 140 -19.43 -31.07 -24.87
CA HIS A 140 -19.47 -29.81 -24.15
C HIS A 140 -18.43 -29.81 -23.04
N ILE A 141 -18.35 -28.67 -22.34
CA ILE A 141 -17.37 -28.45 -21.29
C ILE A 141 -18.11 -28.26 -19.97
N GLU A 142 -17.66 -28.96 -18.93
CA GLU A 142 -18.17 -28.75 -17.57
C GLU A 142 -17.32 -27.67 -16.92
N VAL A 143 -17.82 -26.44 -16.89
CA VAL A 143 -17.00 -25.27 -16.62
C VAL A 143 -16.42 -25.31 -15.21
N PRO A 144 -17.22 -25.29 -14.13
CA PRO A 144 -16.60 -25.24 -12.80
C PRO A 144 -15.69 -26.43 -12.51
N GLU A 145 -16.02 -27.61 -13.03
CA GLU A 145 -15.18 -28.78 -12.80
C GLU A 145 -13.80 -28.62 -13.43
N ASP A 146 -13.75 -28.14 -14.68
CA ASP A 146 -12.46 -27.93 -15.33
C ASP A 146 -11.71 -26.75 -14.72
N MET A 147 -12.42 -25.72 -14.23
CA MET A 147 -11.74 -24.63 -13.54
C MET A 147 -11.13 -25.10 -12.22
N THR A 148 -11.82 -26.01 -11.53
CA THR A 148 -11.28 -26.57 -10.30
C THR A 148 -10.05 -27.43 -10.58
N ARG A 149 -10.08 -28.19 -11.68
CA ARG A 149 -8.90 -28.93 -12.10
C ARG A 149 -7.70 -28.00 -12.29
N LEU A 150 -7.92 -26.87 -12.96
CA LEU A 150 -6.80 -25.98 -13.29
C LEU A 150 -6.27 -25.26 -12.06
N THR A 151 -7.16 -24.73 -11.22
CA THR A 151 -6.69 -23.91 -10.11
C THR A 151 -6.03 -24.75 -9.03
N LEU A 152 -6.49 -25.98 -8.82
CA LEU A 152 -5.85 -26.88 -7.86
C LEU A 152 -4.46 -27.29 -8.34
N ASP A 153 -4.35 -27.67 -9.61
CA ASP A 153 -3.04 -28.05 -10.15
C ASP A 153 -2.09 -26.87 -10.15
N THR A 154 -2.61 -25.65 -10.38
CA THR A 154 -1.74 -24.48 -10.42
C THR A 154 -1.13 -24.19 -9.06
N ILE A 155 -1.94 -24.24 -7.99
CA ILE A 155 -1.38 -24.01 -6.66
C ILE A 155 -0.48 -25.17 -6.24
N GLY A 156 -0.81 -26.40 -6.68
CA GLY A 156 0.05 -27.52 -6.38
C GLY A 156 1.42 -27.40 -7.02
N LEU A 157 1.43 -27.04 -8.31
CA LEU A 157 2.70 -26.94 -9.04
C LEU A 157 3.47 -25.69 -8.63
N CYS A 158 2.80 -24.53 -8.65
CA CYS A 158 3.50 -23.27 -8.39
C CYS A 158 3.99 -23.20 -6.94
N GLY A 159 3.16 -23.64 -5.99
CA GLY A 159 3.54 -23.49 -4.60
C GLY A 159 4.44 -24.60 -4.07
N PHE A 160 4.25 -25.82 -4.55
CA PHE A 160 4.85 -26.98 -3.89
C PHE A 160 5.53 -27.96 -4.83
N ASN A 161 5.61 -27.67 -6.13
CA ASN A 161 6.19 -28.57 -7.13
C ASN A 161 5.61 -29.98 -7.04
N TYR A 162 4.33 -30.05 -6.71
CA TYR A 162 3.61 -31.31 -6.70
C TYR A 162 2.53 -31.26 -7.78
N ARG A 163 2.40 -32.34 -8.54
CA ARG A 163 1.46 -32.40 -9.66
C ARG A 163 0.28 -33.25 -9.25
N PHE A 164 -0.89 -32.61 -9.10
CA PHE A 164 -2.12 -33.34 -8.86
C PHE A 164 -2.61 -34.05 -10.12
N ASN A 165 -2.16 -33.61 -11.29
CA ASN A 165 -2.52 -34.22 -12.57
C ASN A 165 -4.03 -34.38 -12.71
N SER A 166 -4.75 -33.27 -12.45
CA SER A 166 -6.21 -33.30 -12.46
C SER A 166 -6.78 -33.58 -13.85
N PHE A 167 -6.07 -33.16 -14.90
CA PHE A 167 -6.55 -33.40 -16.26
C PHE A 167 -6.30 -34.82 -16.72
N TYR A 168 -5.71 -35.68 -15.89
CA TYR A 168 -5.61 -37.10 -16.16
C TYR A 168 -6.64 -37.91 -15.37
N ARG A 169 -7.65 -37.27 -14.79
CA ARG A 169 -8.61 -37.94 -13.91
C ARG A 169 -10.04 -37.61 -14.33
N ASP A 170 -10.93 -38.60 -14.18
CA ASP A 170 -12.38 -38.41 -14.27
C ASP A 170 -12.96 -38.00 -12.92
N GLN A 171 -12.78 -38.84 -11.91
CA GLN A 171 -13.14 -38.51 -10.56
C GLN A 171 -12.17 -37.46 -10.02
N PRO A 172 -12.61 -36.69 -9.02
CA PRO A 172 -11.70 -35.73 -8.39
C PRO A 172 -10.55 -36.43 -7.68
N HIS A 173 -9.46 -35.68 -7.52
CA HIS A 173 -8.31 -36.19 -6.78
C HIS A 173 -8.74 -36.60 -5.36
N PRO A 174 -8.18 -37.69 -4.82
CA PRO A 174 -8.57 -38.11 -3.46
C PRO A 174 -8.42 -37.03 -2.42
N PHE A 175 -7.48 -36.11 -2.60
CA PHE A 175 -7.32 -35.01 -1.65
C PHE A 175 -8.58 -34.17 -1.58
N ILE A 176 -9.15 -33.79 -2.74
CA ILE A 176 -10.28 -32.89 -2.64
C ILE A 176 -11.56 -33.65 -2.32
N THR A 177 -11.61 -34.95 -2.59
CA THR A 177 -12.76 -35.72 -2.17
C THR A 177 -12.91 -35.63 -0.65
N SER A 178 -11.81 -35.84 0.06
CA SER A 178 -11.83 -35.65 1.51
C SER A 178 -11.94 -34.17 1.87
N MET A 179 -11.38 -33.30 1.04
CA MET A 179 -11.44 -31.87 1.31
C MET A 179 -12.87 -31.35 1.21
N VAL A 180 -13.57 -31.74 0.14
CA VAL A 180 -14.96 -31.32 -0.05
C VAL A 180 -15.84 -31.89 1.06
N ARG A 181 -15.60 -33.14 1.44
CA ARG A 181 -16.40 -33.74 2.50
C ARG A 181 -16.12 -33.12 3.85
N ALA A 182 -14.86 -32.75 4.11
CA ALA A 182 -14.53 -32.08 5.36
C ALA A 182 -15.19 -30.71 5.43
N LEU A 183 -15.12 -29.94 4.34
CA LEU A 183 -15.77 -28.63 4.31
C LEU A 183 -17.28 -28.77 4.44
N ASP A 184 -17.85 -29.84 3.86
CA ASP A 184 -19.28 -30.07 3.98
C ASP A 184 -19.68 -30.33 5.42
N GLU A 185 -18.82 -31.02 6.19
CA GLU A 185 -19.12 -31.26 7.60
C GLU A 185 -19.02 -29.97 8.41
N VAL A 186 -18.09 -29.09 8.07
CA VAL A 186 -18.04 -27.77 8.71
C VAL A 186 -19.36 -27.03 8.49
N MET A 187 -19.83 -26.98 7.25
CA MET A 187 -21.10 -26.35 6.95
C MET A 187 -22.23 -26.97 7.76
N ASN A 188 -22.18 -28.29 7.97
CA ASN A 188 -23.26 -28.96 8.68
C ASN A 188 -23.24 -28.61 10.17
N LYS A 189 -22.04 -28.47 10.75
CA LYS A 189 -21.96 -28.05 12.15
C LYS A 189 -22.54 -26.66 12.35
N LEU A 190 -22.52 -25.83 11.31
CA LEU A 190 -23.11 -24.50 11.38
C LEU A 190 -24.63 -24.58 11.49
N GLN A 191 -25.27 -25.28 10.56
CA GLN A 191 -26.72 -25.30 10.44
C GLN A 191 -27.42 -26.25 11.39
N ARG A 192 -26.69 -27.02 12.20
CA ARG A 192 -27.34 -27.99 13.08
C ARG A 192 -28.09 -27.29 14.20
N ALA A 193 -29.39 -27.56 14.30
CA ALA A 193 -30.21 -26.95 15.35
C ALA A 193 -29.71 -27.37 16.73
N ASN A 194 -29.50 -28.66 16.94
CA ASN A 194 -28.82 -29.20 18.11
C ASN A 194 -27.54 -29.89 17.67
N PRO A 195 -26.38 -29.52 18.22
CA PRO A 195 -25.12 -29.85 17.53
C PRO A 195 -24.56 -31.24 17.76
N ASP A 196 -24.95 -31.96 18.82
CA ASP A 196 -24.32 -33.25 19.11
C ASP A 196 -25.36 -34.35 19.25
N ASP A 197 -26.23 -34.52 18.25
CA ASP A 197 -27.14 -35.64 18.26
C ASP A 197 -26.39 -36.93 17.96
N PRO A 198 -26.98 -38.09 18.29
CA PRO A 198 -26.30 -39.35 17.95
C PRO A 198 -26.13 -39.57 16.45
N ALA A 199 -27.06 -39.09 15.63
CA ALA A 199 -27.00 -39.30 14.19
C ALA A 199 -25.70 -38.79 13.58
N TYR A 200 -25.09 -37.78 14.19
CA TYR A 200 -23.88 -37.16 13.65
C TYR A 200 -22.59 -37.82 14.14
N ASP A 201 -22.67 -38.91 14.89
CA ASP A 201 -21.45 -39.52 15.44
C ASP A 201 -20.54 -40.03 14.33
N GLU A 202 -21.08 -40.76 13.35
CA GLU A 202 -20.28 -41.23 12.22
C GLU A 202 -19.71 -40.07 11.43
N ASN A 203 -20.52 -39.03 11.27
CA ASN A 203 -20.09 -37.78 10.65
C ASN A 203 -18.82 -37.22 11.28
N LYS A 204 -18.69 -37.34 12.60
CA LYS A 204 -17.45 -36.95 13.27
C LYS A 204 -16.35 -37.96 12.98
N ARG A 205 -16.68 -39.24 12.91
CA ARG A 205 -15.66 -40.25 12.57
C ARG A 205 -15.15 -40.03 11.15
N GLN A 206 -16.06 -39.77 10.21
CA GLN A 206 -15.65 -39.51 8.83
C GLN A 206 -14.86 -38.21 8.74
N PHE A 207 -15.23 -37.21 9.54
CA PHE A 207 -14.49 -35.95 9.59
C PHE A 207 -13.02 -36.19 9.89
N GLN A 208 -12.73 -37.06 10.88
CA GLN A 208 -11.35 -37.32 11.27
C GLN A 208 -10.60 -38.09 10.19
N GLU A 209 -11.27 -39.02 9.50
CA GLU A 209 -10.62 -39.75 8.43
C GLU A 209 -10.26 -38.84 7.27
N ASP A 210 -11.14 -37.87 6.96
CA ASP A 210 -10.87 -36.96 5.86
C ASP A 210 -9.71 -36.02 6.18
N ILE A 211 -9.56 -35.63 7.45
CA ILE A 211 -8.41 -34.83 7.86
C ILE A 211 -7.12 -35.62 7.71
N LYS A 212 -7.16 -36.94 7.99
CA LYS A 212 -5.97 -37.76 7.85
C LYS A 212 -5.52 -37.86 6.39
N VAL A 213 -6.49 -37.96 5.46
CA VAL A 213 -6.15 -37.98 4.04
C VAL A 213 -5.44 -36.71 3.64
N MET A 214 -5.95 -35.56 4.09
CA MET A 214 -5.31 -34.29 3.75
C MET A 214 -3.92 -34.19 4.37
N ASN A 215 -3.78 -34.58 5.64
CA ASN A 215 -2.47 -34.54 6.29
C ASN A 215 -1.50 -35.54 5.66
N ASP A 216 -2.00 -36.67 5.16
CA ASP A 216 -1.12 -37.64 4.51
C ASP A 216 -0.52 -37.07 3.23
N LEU A 217 -1.32 -36.33 2.46
CA LEU A 217 -0.75 -35.67 1.28
C LEU A 217 0.30 -34.64 1.68
N VAL A 218 0.05 -33.90 2.77
CA VAL A 218 1.03 -32.92 3.23
C VAL A 218 2.34 -33.60 3.57
N ASP A 219 2.27 -34.78 4.20
CA ASP A 219 3.48 -35.54 4.51
C ASP A 219 4.23 -35.93 3.24
N LYS A 220 3.50 -36.37 2.21
CA LYS A 220 4.15 -36.69 0.94
C LYS A 220 4.80 -35.46 0.33
N ILE A 221 4.12 -34.31 0.38
CA ILE A 221 4.69 -33.09 -0.20
C ILE A 221 5.99 -32.73 0.51
N ILE A 222 6.01 -32.86 1.84
CA ILE A 222 7.18 -32.45 2.62
C ILE A 222 8.32 -33.43 2.40
N ALA A 223 8.04 -34.72 2.45
CA ALA A 223 9.10 -35.73 2.27
C ALA A 223 9.65 -35.63 0.85
N ASP A 224 8.81 -35.38 -0.14
CA ASP A 224 9.27 -35.21 -1.54
C ASP A 224 10.26 -34.04 -1.61
N ARG A 225 9.97 -32.93 -0.96
CA ARG A 225 10.89 -31.77 -0.94
C ARG A 225 12.18 -32.12 -0.20
N LYS A 226 12.06 -32.87 0.89
CA LYS A 226 13.25 -33.24 1.73
C LYS A 226 14.23 -34.04 0.87
N ALA A 227 13.72 -34.95 0.04
CA ALA A 227 14.58 -35.72 -0.85
C ALA A 227 14.90 -34.87 -2.08
N SER A 228 16.08 -34.25 -2.05
CA SER A 228 16.51 -33.30 -3.10
C SER A 228 16.33 -33.86 -4.50
N GLU A 230 15.97 -31.13 -7.01
CA GLU A 230 16.34 -29.84 -7.63
C GLU A 230 16.48 -28.78 -6.54
N GLN A 231 16.77 -27.54 -6.95
CA GLN A 231 16.79 -26.39 -6.02
C GLN A 231 15.62 -25.48 -6.42
N SER A 232 14.55 -25.44 -5.62
CA SER A 232 13.40 -24.61 -5.94
C SER A 232 13.40 -23.34 -5.10
N ASP A 233 12.67 -22.34 -5.61
CA ASP A 233 12.41 -21.09 -4.90
C ASP A 233 10.92 -20.78 -5.06
N ASP A 234 10.08 -21.63 -4.46
CA ASP A 234 8.63 -21.44 -4.54
C ASP A 234 8.05 -21.21 -3.16
N LEU A 235 6.73 -21.34 -3.03
CA LEU A 235 6.08 -21.09 -1.75
C LEU A 235 6.61 -22.02 -0.66
N LEU A 236 6.71 -23.31 -0.96
CA LEU A 236 7.20 -24.28 0.02
C LEU A 236 8.61 -23.94 0.48
N THR A 237 9.43 -23.39 -0.42
CA THR A 237 10.80 -23.03 -0.07
C THR A 237 10.83 -21.99 1.05
N HIS A 238 10.04 -20.93 0.91
CA HIS A 238 9.97 -19.93 1.96
C HIS A 238 9.35 -20.51 3.24
N MET A 239 8.41 -21.44 3.12
CA MET A 239 7.83 -22.08 4.29
C MET A 239 8.90 -22.82 5.10
N LEU A 240 9.83 -23.48 4.41
CA LEU A 240 10.81 -24.31 5.10
C LEU A 240 12.02 -23.50 5.58
N ASN A 241 12.46 -22.52 4.79
CA ASN A 241 13.73 -21.83 5.05
C ASN A 241 13.59 -20.37 5.42
N GLY A 242 12.47 -19.72 5.10
CA GLY A 242 12.35 -18.30 5.36
C GLY A 242 12.33 -18.00 6.85
N LYS A 243 12.92 -16.87 7.22
CA LYS A 243 13.07 -16.47 8.61
C LYS A 243 12.36 -15.14 8.85
N ASP A 244 11.64 -15.06 9.96
CA ASP A 244 10.95 -13.83 10.33
C ASP A 244 11.98 -12.77 10.66
N PRO A 245 11.98 -11.61 9.98
CA PRO A 245 12.97 -10.58 10.31
C PRO A 245 12.83 -10.05 11.73
N GLU A 246 11.63 -10.09 12.29
CA GLU A 246 11.40 -9.67 13.67
C GLU A 246 12.06 -10.62 14.65
N THR A 247 11.53 -11.85 14.74
CA THR A 247 11.96 -12.82 15.73
C THR A 247 13.21 -13.60 15.32
N GLY A 248 13.64 -13.50 14.07
CA GLY A 248 14.78 -14.23 13.57
C GLY A 248 14.56 -15.71 13.33
N GLU A 249 13.48 -16.26 13.89
CA GLU A 249 13.23 -17.69 13.84
C GLU A 249 12.40 -18.06 12.61
N PRO A 250 12.52 -19.29 12.11
CA PRO A 250 11.58 -19.78 11.10
C PRO A 250 10.39 -20.47 11.75
N LEU A 251 9.42 -20.82 10.90
CA LEU A 251 8.24 -21.55 11.35
C LEU A 251 8.62 -22.96 11.77
N ASP A 252 8.02 -23.44 12.86
CA ASP A 252 8.28 -24.81 13.27
C ASP A 252 7.45 -25.77 12.42
N ASP A 253 7.60 -27.06 12.69
CA ASP A 253 7.06 -28.07 11.78
C ASP A 253 5.54 -28.19 11.89
N GLU A 254 4.98 -28.00 13.08
CA GLU A 254 3.52 -28.03 13.20
C GLU A 254 2.87 -26.95 12.35
N ASN A 255 3.43 -25.74 12.36
CA ASN A 255 2.78 -24.63 11.67
C ASN A 255 2.91 -24.77 10.16
N ILE A 256 4.04 -25.30 9.68
CA ILE A 256 4.24 -25.51 8.24
C ILE A 256 3.14 -26.41 7.68
N ARG A 257 2.81 -27.48 8.42
CA ARG A 257 1.77 -28.40 7.94
C ARG A 257 0.42 -27.73 7.88
N TYR A 258 0.13 -26.84 8.84
CA TYR A 258 -1.10 -26.05 8.78
C TYR A 258 -1.09 -25.12 7.57
N GLN A 259 0.08 -24.55 7.24
CA GLN A 259 0.14 -23.62 6.11
C GLN A 259 -0.06 -24.33 4.79
N ILE A 260 0.49 -25.54 4.64
CA ILE A 260 0.35 -26.27 3.38
C ILE A 260 -1.12 -26.59 3.13
N ILE A 261 -1.79 -27.16 4.13
CA ILE A 261 -3.23 -27.38 4.04
C ILE A 261 -3.96 -26.08 3.71
N THR A 262 -3.59 -25.00 4.42
CA THR A 262 -4.25 -23.72 4.21
C THR A 262 -4.14 -23.26 2.77
N PHE A 263 -2.93 -23.27 2.21
CA PHE A 263 -2.74 -22.73 0.88
C PHE A 263 -3.29 -23.64 -0.20
N LEU A 264 -3.28 -24.96 0.04
CA LEU A 264 -3.90 -25.88 -0.92
C LEU A 264 -5.38 -25.58 -1.09
N ILE A 265 -6.07 -25.30 0.02
CA ILE A 265 -7.51 -25.04 -0.04
C ILE A 265 -7.78 -23.60 -0.48
N ALA A 266 -7.23 -22.63 0.26
CA ALA A 266 -7.46 -21.23 -0.08
C ALA A 266 -6.94 -20.90 -1.48
N GLY A 267 -5.90 -21.61 -1.92
CA GLY A 267 -5.27 -21.33 -3.19
C GLY A 267 -6.09 -21.67 -4.42
N HIS A 268 -7.10 -22.53 -4.30
CA HIS A 268 -7.78 -22.93 -5.54
C HIS A 268 -9.29 -22.77 -5.55
N GLU A 269 -9.98 -22.94 -4.42
CA GLU A 269 -11.44 -23.04 -4.50
C GLU A 269 -12.07 -21.73 -4.94
N THR A 270 -11.70 -20.61 -4.29
CA THR A 270 -12.28 -19.32 -4.67
C THR A 270 -11.87 -18.91 -6.08
N THR A 271 -10.67 -19.31 -6.53
CA THR A 271 -10.22 -18.93 -7.86
C THR A 271 -11.00 -19.66 -8.95
N SER A 272 -11.35 -20.93 -8.72
CA SER A 272 -12.13 -21.64 -9.72
C SER A 272 -13.55 -21.10 -9.81
N GLY A 273 -14.12 -20.71 -8.67
CA GLY A 273 -15.41 -20.05 -8.69
C GLY A 273 -15.37 -18.74 -9.45
N LEU A 274 -14.31 -17.95 -9.24
CA LEU A 274 -14.17 -16.69 -9.96
C LEU A 274 -14.14 -16.92 -11.47
N LEU A 275 -13.31 -17.86 -11.92
CA LEU A 275 -13.21 -18.13 -13.34
C LEU A 275 -14.53 -18.62 -13.93
N SER A 276 -15.25 -19.47 -13.19
CA SER A 276 -16.54 -19.95 -13.67
C SER A 276 -17.54 -18.81 -13.80
N PHE A 277 -17.65 -17.96 -12.76
CA PHE A 277 -18.56 -16.83 -12.84
C PHE A 277 -18.15 -15.89 -13.98
N ALA A 278 -16.85 -15.65 -14.14
CA ALA A 278 -16.40 -14.77 -15.21
C ALA A 278 -16.81 -15.30 -16.57
N LEU A 279 -16.65 -16.62 -16.78
CA LEU A 279 -17.04 -17.19 -18.06
C LEU A 279 -18.56 -17.16 -18.25
N TYR A 280 -19.31 -17.37 -17.16
CA TYR A 280 -20.76 -17.24 -17.23
C TYR A 280 -21.17 -15.85 -17.70
N PHE A 281 -20.67 -14.80 -17.03
CA PHE A 281 -21.06 -13.45 -17.42
C PHE A 281 -20.64 -13.12 -18.85
N LEU A 282 -19.55 -13.73 -19.32
CA LEU A 282 -19.09 -13.44 -20.67
C LEU A 282 -20.04 -14.02 -21.72
N VAL A 283 -20.51 -15.26 -21.54
CA VAL A 283 -21.41 -15.84 -22.52
C VAL A 283 -22.80 -15.22 -22.43
N LYS A 284 -23.16 -14.64 -21.28
CA LYS A 284 -24.44 -13.96 -21.15
C LYS A 284 -24.42 -12.53 -21.66
N ASN A 285 -23.24 -11.99 -21.98
CA ASN A 285 -23.11 -10.60 -22.41
C ASN A 285 -22.17 -10.55 -23.60
N PRO A 286 -22.67 -10.87 -24.79
CA PRO A 286 -21.78 -11.03 -25.96
C PRO A 286 -21.02 -9.78 -26.34
N HIS A 287 -21.53 -8.58 -26.02
CA HIS A 287 -20.77 -7.36 -26.28
C HIS A 287 -19.49 -7.34 -25.45
N VAL A 288 -19.59 -7.73 -24.18
CA VAL A 288 -18.42 -7.79 -23.33
C VAL A 288 -17.48 -8.88 -23.82
N LEU A 289 -18.02 -10.05 -24.16
CA LEU A 289 -17.18 -11.17 -24.60
C LEU A 289 -16.38 -10.78 -25.84
N GLN A 290 -17.01 -10.07 -26.77
CA GLN A 290 -16.30 -9.63 -27.96
C GLN A 290 -15.19 -8.65 -27.61
N LYS A 291 -15.50 -7.67 -26.74
CA LYS A 291 -14.51 -6.66 -26.36
C LYS A 291 -13.32 -7.30 -25.66
N ALA A 292 -13.56 -8.29 -24.81
CA ALA A 292 -12.46 -9.00 -24.17
C ALA A 292 -11.72 -9.88 -25.19
N ALA A 293 -12.42 -10.37 -26.22
CA ALA A 293 -11.78 -11.27 -27.20
C ALA A 293 -10.84 -10.50 -28.13
N GLU A 294 -11.21 -9.27 -28.37
CA GLU A 294 -10.37 -8.40 -29.23
C GLU A 294 -9.03 -8.18 -28.52
N GLU A 295 -9.09 -7.90 -27.23
CA GLU A 295 -7.91 -7.62 -26.42
C GLU A 295 -6.99 -8.83 -26.34
N ALA A 296 -7.57 -10.01 -26.07
CA ALA A 296 -6.76 -11.22 -26.05
C ALA A 296 -6.07 -11.44 -27.38
N ALA A 297 -6.77 -11.18 -28.49
CA ALA A 297 -6.20 -11.41 -29.80
C ALA A 297 -5.00 -10.53 -30.08
N ARG A 298 -5.09 -9.24 -29.74
CA ARG A 298 -4.01 -8.32 -30.07
C ARG A 298 -2.86 -8.34 -29.06
N VAL A 299 -3.11 -8.78 -27.83
CA VAL A 299 -2.07 -8.80 -26.82
C VAL A 299 -1.28 -10.10 -26.83
N LEU A 300 -1.98 -11.23 -26.91
CA LEU A 300 -1.33 -12.55 -26.86
C LEU A 300 -0.93 -12.96 -28.27
N VAL A 301 0.17 -12.35 -28.76
CA VAL A 301 0.64 -12.59 -30.11
C VAL A 301 1.60 -13.77 -30.21
N ASP A 302 2.05 -14.31 -29.09
CA ASP A 302 2.99 -15.42 -29.07
C ASP A 302 2.27 -16.72 -28.73
N PRO A 303 2.85 -17.87 -29.08
CA PRO A 303 2.19 -19.15 -28.75
C PRO A 303 2.07 -19.42 -27.26
N VAL A 304 2.94 -18.82 -26.44
CA VAL A 304 2.88 -18.95 -24.99
C VAL A 304 2.83 -17.56 -24.38
N PRO A 305 1.80 -17.22 -23.61
CA PRO A 305 1.73 -15.87 -23.04
C PRO A 305 2.85 -15.66 -22.04
N SER A 306 3.42 -14.45 -22.07
CA SER A 306 4.46 -14.05 -21.14
C SER A 306 3.86 -13.30 -19.97
N TYR A 307 4.71 -13.05 -18.96
CA TYR A 307 4.28 -12.30 -17.79
C TYR A 307 3.80 -10.91 -18.18
N LYS A 308 4.53 -10.24 -19.09
CA LYS A 308 4.20 -8.87 -19.48
C LYS A 308 2.89 -8.81 -20.23
N GLN A 309 2.66 -9.78 -21.13
CA GLN A 309 1.41 -9.80 -21.90
C GLN A 309 0.20 -9.89 -20.99
N VAL A 310 0.28 -10.72 -19.95
CA VAL A 310 -0.82 -10.83 -18.99
C VAL A 310 -1.05 -9.50 -18.29
N LYS A 311 0.04 -8.81 -17.91
CA LYS A 311 -0.07 -7.49 -17.31
C LYS A 311 -0.86 -6.52 -18.20
N GLN A 312 -0.84 -6.74 -19.52
CA GLN A 312 -1.44 -5.81 -20.47
C GLN A 312 -2.91 -6.11 -20.77
N LEU A 313 -3.47 -7.20 -20.23
CA LEU A 313 -4.87 -7.57 -20.48
C LEU A 313 -5.79 -6.80 -19.52
N LYS A 314 -5.85 -5.48 -19.77
CA LYS A 314 -6.61 -4.57 -18.93
C LYS A 314 -8.08 -4.93 -18.86
N TYR A 315 -8.72 -5.14 -20.02
CA TYR A 315 -10.17 -5.39 -20.01
C TYR A 315 -10.50 -6.73 -19.35
N VAL A 316 -9.62 -7.73 -19.51
CA VAL A 316 -9.86 -9.01 -18.86
C VAL A 316 -9.81 -8.86 -17.34
N GLY A 317 -8.90 -8.01 -16.84
CA GLY A 317 -8.87 -7.74 -15.42
C GLY A 317 -10.11 -7.03 -14.91
N MET A 318 -10.62 -6.09 -15.71
CA MET A 318 -11.89 -5.45 -15.38
C MET A 318 -13.03 -6.44 -15.41
N VAL A 319 -12.98 -7.39 -16.36
CA VAL A 319 -13.99 -8.46 -16.40
C VAL A 319 -13.95 -9.26 -15.11
N LEU A 320 -12.76 -9.60 -14.64
CA LEU A 320 -12.64 -10.38 -13.41
C LEU A 320 -13.12 -9.60 -12.19
N ASN A 321 -12.82 -8.30 -12.15
CA ASN A 321 -13.27 -7.49 -11.03
C ASN A 321 -14.79 -7.30 -11.04
N GLU A 322 -15.40 -7.24 -12.23
CA GLU A 322 -16.85 -7.12 -12.27
C GLU A 322 -17.53 -8.44 -11.93
N ALA A 323 -16.88 -9.58 -12.20
CA ALA A 323 -17.40 -10.85 -11.71
C ALA A 323 -17.31 -10.94 -10.20
N LEU A 324 -16.23 -10.44 -9.61
CA LEU A 324 -16.08 -10.41 -8.16
C LEU A 324 -17.08 -9.48 -7.50
N ARG A 325 -17.54 -8.44 -8.20
CA ARG A 325 -18.56 -7.58 -7.62
C ARG A 325 -19.88 -8.32 -7.47
N LEU A 326 -20.35 -8.95 -8.54
CA LEU A 326 -21.67 -9.58 -8.50
C LEU A 326 -21.65 -10.83 -7.63
N TRP A 327 -20.62 -11.66 -7.73
CA TRP A 327 -20.54 -12.90 -6.97
C TRP A 327 -19.15 -13.10 -6.39
N PRO A 328 -18.81 -12.37 -5.33
CA PRO A 328 -17.54 -12.60 -4.63
C PRO A 328 -17.51 -13.99 -4.04
N THR A 329 -16.52 -14.78 -4.48
CA THR A 329 -16.53 -16.22 -4.21
C THR A 329 -16.26 -16.55 -2.74
N ALA A 330 -15.56 -15.67 -2.03
CA ALA A 330 -15.52 -15.74 -0.57
C ALA A 330 -16.55 -14.75 -0.04
N PRO A 331 -17.75 -15.20 0.33
CA PRO A 331 -18.89 -14.26 0.44
C PRO A 331 -18.94 -13.42 1.70
N ALA A 332 -18.10 -13.65 2.70
CA ALA A 332 -18.18 -12.86 3.91
C ALA A 332 -16.87 -12.93 4.68
N PHE A 333 -16.68 -11.96 5.58
CA PHE A 333 -15.65 -12.04 6.60
C PHE A 333 -16.17 -11.37 7.85
N SER A 334 -15.52 -11.66 8.98
CA SER A 334 -16.01 -11.29 10.29
C SER A 334 -15.04 -10.35 10.99
N LEU A 335 -15.60 -9.47 11.83
CA LEU A 335 -14.83 -8.49 12.60
C LEU A 335 -15.39 -8.40 14.01
N TYR A 336 -14.54 -7.98 14.95
CA TYR A 336 -14.96 -7.72 16.31
C TYR A 336 -14.48 -6.35 16.75
N ALA A 337 -15.25 -5.71 17.64
CA ALA A 337 -14.90 -4.38 18.12
C ALA A 337 -13.74 -4.44 19.11
N LYS A 338 -12.69 -3.67 18.83
CA LYS A 338 -11.52 -3.67 19.70
C LYS A 338 -11.80 -2.91 21.00
N GLU A 339 -12.60 -1.86 20.94
CA GLU A 339 -13.05 -1.15 22.12
C GLU A 339 -14.51 -0.78 21.92
N ASP A 340 -15.13 -0.28 22.99
CA ASP A 340 -16.46 0.31 22.87
C ASP A 340 -16.46 1.39 21.81
N THR A 341 -17.45 1.36 20.94
CA THR A 341 -17.50 2.29 19.82
C THR A 341 -18.94 2.40 19.33
N VAL A 342 -19.18 3.41 18.50
CA VAL A 342 -20.49 3.67 17.92
C VAL A 342 -20.39 3.51 16.41
N LEU A 343 -21.32 2.75 15.84
CA LEU A 343 -21.30 2.46 14.41
C LEU A 343 -22.35 3.34 13.71
N GLY A 344 -21.89 4.12 12.74
CA GLY A 344 -22.77 5.02 12.00
C GLY A 344 -23.42 6.09 12.82
N GLY A 345 -22.92 6.36 14.03
CA GLY A 345 -23.59 7.29 14.90
C GLY A 345 -24.93 6.82 15.40
N GLU A 346 -25.20 5.51 15.33
CA GLU A 346 -26.54 4.99 15.55
C GLU A 346 -26.54 3.73 16.38
N TYR A 347 -25.49 2.91 16.23
CA TYR A 347 -25.48 1.56 16.79
C TYR A 347 -24.31 1.41 17.74
N PRO A 348 -24.53 1.55 19.04
CA PRO A 348 -23.42 1.39 19.99
C PRO A 348 -22.98 -0.07 20.05
N LEU A 349 -21.67 -0.27 20.08
CA LEU A 349 -21.10 -1.61 20.16
C LEU A 349 -20.20 -1.69 21.38
N GLU A 350 -20.24 -2.83 22.05
CA GLU A 350 -19.37 -3.12 23.17
C GLU A 350 -18.11 -3.83 22.70
N LYS A 351 -17.08 -3.79 23.54
CA LYS A 351 -15.83 -4.48 23.24
C LYS A 351 -16.08 -5.98 23.08
N GLY A 352 -15.70 -6.52 21.92
CA GLY A 352 -15.91 -7.92 21.63
C GLY A 352 -17.12 -8.22 20.76
N ASP A 353 -18.01 -7.25 20.55
CA ASP A 353 -19.17 -7.47 19.71
C ASP A 353 -18.75 -7.85 18.29
N GLU A 354 -19.53 -8.74 17.68
CA GLU A 354 -19.18 -9.33 16.39
C GLU A 354 -19.95 -8.68 15.25
N LEU A 355 -19.31 -8.64 14.09
CA LEU A 355 -19.92 -8.16 12.86
C LEU A 355 -19.64 -9.15 11.74
N MET A 356 -20.56 -9.21 10.78
CA MET A 356 -20.37 -9.94 9.53
C MET A 356 -20.53 -8.96 8.38
N VAL A 357 -19.58 -8.96 7.46
CA VAL A 357 -19.69 -8.19 6.22
C VAL A 357 -20.26 -9.12 5.14
N LEU A 358 -21.47 -8.79 4.66
CA LEU A 358 -22.15 -9.56 3.61
C LEU A 358 -21.71 -9.01 2.26
N ILE A 359 -20.63 -9.60 1.70
CA ILE A 359 -19.96 -9.00 0.54
C ILE A 359 -20.88 -8.90 -0.69
N PRO A 360 -21.62 -9.94 -1.08
CA PRO A 360 -22.49 -9.77 -2.27
C PRO A 360 -23.48 -8.63 -2.12
N GLN A 361 -24.00 -8.41 -0.91
CA GLN A 361 -24.96 -7.32 -0.70
C GLN A 361 -24.27 -5.96 -0.72
N LEU A 362 -23.10 -5.85 -0.07
CA LEU A 362 -22.31 -4.63 -0.14
C LEU A 362 -22.07 -4.20 -1.59
N HIS A 363 -21.79 -5.16 -2.46
CA HIS A 363 -21.52 -4.87 -3.85
C HIS A 363 -22.76 -4.53 -4.66
N ARG A 364 -23.94 -4.54 -4.03
CA ARG A 364 -25.19 -4.13 -4.66
C ARG A 364 -25.74 -2.85 -4.05
N ASP A 365 -24.91 -2.08 -3.35
CA ASP A 365 -25.32 -0.83 -2.73
C ASP A 365 -25.69 0.18 -3.81
N LYS A 366 -26.99 0.44 -3.98
CA LYS A 366 -27.44 1.31 -5.06
C LYS A 366 -26.89 2.72 -4.93
N THR A 367 -26.63 3.17 -3.70
CA THR A 367 -26.05 4.49 -3.50
C THR A 367 -24.62 4.58 -4.00
N ILE A 368 -23.97 3.45 -4.21
CA ILE A 368 -22.59 3.41 -4.67
C ILE A 368 -22.51 3.11 -6.16
N TRP A 369 -23.22 2.09 -6.62
CA TRP A 369 -23.07 1.61 -7.99
C TRP A 369 -24.15 2.11 -8.93
N GLY A 370 -25.15 2.83 -8.44
CA GLY A 370 -26.14 3.36 -9.35
C GLY A 370 -27.32 2.44 -9.58
N ASP A 371 -27.97 2.70 -10.72
CA ASP A 371 -29.26 2.13 -11.07
C ASP A 371 -29.12 0.71 -11.58
N ASP A 372 -28.01 0.42 -12.26
CA ASP A 372 -27.77 -0.84 -12.96
C ASP A 372 -26.92 -1.81 -12.15
N VAL A 373 -27.18 -1.97 -10.85
CA VAL A 373 -26.26 -2.76 -10.02
C VAL A 373 -26.18 -4.20 -10.51
N GLU A 374 -27.29 -4.74 -11.01
CA GLU A 374 -27.34 -6.15 -11.40
C GLU A 374 -26.76 -6.39 -12.78
N GLU A 375 -26.46 -5.34 -13.54
CA GLU A 375 -25.92 -5.51 -14.88
C GLU A 375 -24.42 -5.74 -14.85
N PHE A 376 -23.94 -6.53 -15.80
CA PHE A 376 -22.53 -6.85 -15.92
C PHE A 376 -21.87 -5.81 -16.82
N ARG A 377 -21.16 -4.86 -16.22
CA ARG A 377 -20.46 -3.79 -16.95
C ARG A 377 -19.05 -3.66 -16.40
N PRO A 378 -18.06 -4.30 -17.03
CA PRO A 378 -16.68 -4.19 -16.53
C PRO A 378 -16.15 -2.76 -16.52
N GLU A 379 -16.76 -1.88 -17.32
CA GLU A 379 -16.31 -0.47 -17.46
C GLU A 379 -16.26 0.24 -16.09
N ARG A 380 -17.10 -0.19 -15.15
CA ARG A 380 -17.19 0.42 -13.82
C ARG A 380 -15.82 0.51 -13.13
N PHE A 381 -14.88 -0.37 -13.47
CA PHE A 381 -13.53 -0.44 -12.86
C PHE A 381 -12.44 0.28 -13.69
N GLU A 382 -12.77 1.09 -14.68
CA GLU A 382 -11.69 1.81 -15.40
C GLU A 382 -10.93 2.74 -14.44
N ASN A 383 -11.62 3.45 -13.56
CA ASN A 383 -10.91 4.36 -12.64
C ASN A 383 -11.19 4.01 -11.19
N PRO A 384 -10.20 3.54 -10.41
CA PRO A 384 -10.38 3.27 -9.02
C PRO A 384 -10.66 4.53 -8.20
N SER A 385 -10.17 5.68 -8.63
CA SER A 385 -10.37 6.92 -7.86
C SER A 385 -11.84 7.33 -7.79
N ALA A 386 -12.63 6.92 -8.77
CA ALA A 386 -14.08 7.19 -8.77
C ALA A 386 -14.87 6.26 -7.82
N ILE A 387 -14.31 5.18 -7.33
CA ILE A 387 -15.02 4.24 -6.47
C ILE A 387 -14.86 4.70 -5.02
N PRO A 388 -15.95 4.90 -4.28
CA PRO A 388 -15.80 5.32 -2.87
C PRO A 388 -15.03 4.28 -2.06
N GLN A 389 -14.51 4.75 -0.93
CA GLN A 389 -13.62 3.95 -0.10
C GLN A 389 -14.37 2.80 0.54
N HIS A 390 -13.79 1.60 0.45
CA HIS A 390 -14.33 0.36 1.02
C HIS A 390 -15.63 -0.10 0.37
N ALA A 391 -15.90 0.29 -0.87
CA ALA A 391 -17.10 -0.19 -1.55
C ALA A 391 -16.92 -1.56 -2.20
N PHE A 392 -15.69 -1.96 -2.46
CA PHE A 392 -15.37 -3.17 -3.20
C PHE A 392 -14.41 -4.00 -2.35
N LYS A 393 -14.90 -5.11 -1.78
CA LYS A 393 -14.13 -5.82 -0.78
C LYS A 393 -14.05 -7.34 -1.01
N PRO A 394 -13.81 -7.81 -2.24
CA PRO A 394 -13.82 -9.27 -2.46
C PRO A 394 -12.64 -9.98 -1.82
N PHE A 395 -11.58 -9.27 -1.43
CA PHE A 395 -10.40 -9.91 -0.85
C PHE A 395 -10.21 -9.55 0.61
N GLY A 396 -11.28 -9.14 1.30
CA GLY A 396 -11.15 -8.81 2.70
C GLY A 396 -10.57 -7.41 2.90
N ASN A 397 -9.98 -7.20 4.07
CA ASN A 397 -9.61 -5.85 4.48
C ASN A 397 -8.32 -5.84 5.30
N GLY A 398 -7.49 -4.83 5.06
CA GLY A 398 -6.39 -4.48 5.95
C GLY A 398 -5.26 -5.49 5.96
N GLN A 399 -4.63 -5.62 7.13
CA GLN A 399 -3.51 -6.56 7.25
C GLN A 399 -3.98 -8.01 7.16
N ARG A 400 -5.29 -8.27 7.32
CA ARG A 400 -5.84 -9.60 7.14
C ARG A 400 -6.49 -9.77 5.77
N ALA A 401 -6.18 -8.89 4.81
CA ALA A 401 -6.66 -9.07 3.46
C ALA A 401 -6.01 -10.30 2.83
N CYS A 402 -6.54 -10.71 1.69
CA CYS A 402 -6.06 -11.92 1.02
C CYS A 402 -4.62 -11.75 0.58
N ILE A 403 -3.74 -12.63 1.07
CA ILE A 403 -2.34 -12.57 0.67
C ILE A 403 -2.13 -13.09 -0.74
N GLY A 404 -3.05 -13.91 -1.23
CA GLY A 404 -2.94 -14.55 -2.55
C GLY A 404 -3.64 -13.80 -3.65
N GLN A 405 -4.14 -12.61 -3.36
CA GLN A 405 -4.90 -11.76 -4.30
C GLN A 405 -4.23 -11.66 -5.69
N GLN A 406 -3.00 -11.19 -5.74
CA GLN A 406 -2.25 -10.96 -7.01
C GLN A 406 -1.98 -12.29 -7.72
N PHE A 407 -1.69 -13.35 -6.98
CA PHE A 407 -1.50 -14.67 -7.60
C PHE A 407 -2.82 -15.10 -8.23
N ALA A 408 -3.94 -14.89 -7.54
CA ALA A 408 -5.23 -15.30 -8.08
C ALA A 408 -5.56 -14.49 -9.31
N LEU A 409 -5.34 -13.18 -9.25
CA LEU A 409 -5.69 -12.32 -10.38
C LEU A 409 -4.78 -12.58 -11.58
N HIS A 410 -3.52 -12.94 -11.35
CA HIS A 410 -2.64 -13.26 -12.46
C HIS A 410 -3.03 -14.57 -13.12
N GLU A 411 -3.25 -15.62 -12.32
CA GLU A 411 -3.65 -16.91 -12.87
C GLU A 411 -4.92 -16.80 -13.70
N ALA A 412 -5.94 -16.15 -13.14
CA ALA A 412 -7.24 -16.06 -13.82
C ALA A 412 -7.14 -15.23 -15.09
N THR A 413 -6.35 -14.14 -15.06
CA THR A 413 -6.20 -13.32 -16.25
C THR A 413 -5.47 -14.07 -17.35
N LEU A 414 -4.42 -14.81 -16.99
CA LEU A 414 -3.73 -15.66 -17.96
C LEU A 414 -4.67 -16.69 -18.56
N VAL A 415 -5.44 -17.38 -17.72
CA VAL A 415 -6.29 -18.46 -18.18
C VAL A 415 -7.42 -17.93 -19.05
N LEU A 416 -8.11 -16.89 -18.57
CA LEU A 416 -9.21 -16.31 -19.35
C LEU A 416 -8.71 -15.79 -20.68
N GLY A 417 -7.52 -15.16 -20.69
CA GLY A 417 -6.98 -14.64 -21.93
C GLY A 417 -6.70 -15.74 -22.95
N MET A 418 -6.09 -16.84 -22.51
CA MET A 418 -5.86 -17.95 -23.43
C MET A 418 -7.18 -18.57 -23.89
N MET A 419 -8.15 -18.64 -22.99
CA MET A 419 -9.46 -19.17 -23.35
C MET A 419 -10.10 -18.34 -24.46
N LEU A 420 -10.02 -17.01 -24.35
CA LEU A 420 -10.66 -16.13 -25.33
C LEU A 420 -9.90 -16.10 -26.65
N LYS A 421 -8.59 -16.30 -26.62
CA LYS A 421 -7.81 -16.29 -27.85
C LYS A 421 -8.06 -17.55 -28.68
N HIS A 422 -8.28 -18.69 -28.03
CA HIS A 422 -8.26 -19.98 -28.71
C HIS A 422 -9.64 -20.54 -29.02
N PHE A 423 -10.71 -20.00 -28.46
CA PHE A 423 -12.02 -20.60 -28.63
C PHE A 423 -13.10 -19.53 -28.78
N ASP A 424 -14.14 -19.89 -29.54
CA ASP A 424 -15.42 -19.21 -29.50
C ASP A 424 -16.36 -20.06 -28.65
N PHE A 425 -17.12 -19.42 -27.77
CA PHE A 425 -17.92 -20.14 -26.78
C PHE A 425 -19.40 -20.01 -27.08
N GLU A 426 -20.15 -21.07 -26.76
CA GLU A 426 -21.57 -21.14 -27.02
C GLU A 426 -22.32 -21.55 -25.76
N ASP A 427 -23.35 -20.80 -25.40
CA ASP A 427 -24.26 -21.15 -24.30
C ASP A 427 -25.42 -21.96 -24.86
N HIS A 428 -25.10 -23.20 -25.23
CA HIS A 428 -26.00 -24.03 -26.03
C HIS A 428 -27.23 -24.50 -25.26
N THR A 429 -27.20 -24.47 -23.93
CA THR A 429 -28.35 -24.87 -23.12
C THR A 429 -29.14 -23.70 -22.59
N ASN A 430 -28.75 -22.46 -22.91
CA ASN A 430 -29.31 -21.27 -22.31
C ASN A 430 -29.33 -21.43 -20.78
N TYR A 431 -28.13 -21.57 -20.23
CA TYR A 431 -27.98 -22.02 -18.86
C TYR A 431 -28.55 -20.99 -17.88
N GLU A 432 -29.40 -21.47 -16.97
CA GLU A 432 -29.98 -20.63 -15.93
C GLU A 432 -29.10 -20.69 -14.69
N LEU A 433 -28.60 -19.54 -14.25
CA LEU A 433 -27.62 -19.49 -13.17
C LEU A 433 -28.16 -20.17 -11.92
N ASP A 434 -27.41 -21.17 -11.43
CA ASP A 434 -27.72 -21.89 -10.21
C ASP A 434 -26.48 -21.83 -9.33
N ILE A 435 -26.55 -21.07 -8.25
CA ILE A 435 -25.38 -20.80 -7.43
C ILE A 435 -25.30 -21.83 -6.31
N LYS A 436 -24.28 -22.68 -6.39
CA LYS A 436 -23.98 -23.63 -5.32
C LYS A 436 -23.24 -22.95 -4.19
N GLU A 437 -23.52 -23.38 -2.97
CA GLU A 437 -22.88 -22.83 -1.77
C GLU A 437 -22.23 -23.96 -0.99
N THR A 438 -20.92 -23.82 -0.78
CA THR A 438 -20.23 -24.57 0.26
C THR A 438 -19.89 -23.56 1.34
N LEU A 439 -18.61 -23.39 1.63
CA LEU A 439 -18.16 -22.16 2.27
C LEU A 439 -17.88 -21.07 1.24
N THR A 440 -17.92 -21.40 -0.05
CA THR A 440 -17.73 -20.45 -1.13
C THR A 440 -18.88 -20.63 -2.13
N LEU A 441 -18.85 -19.81 -3.20
CA LEU A 441 -19.92 -19.78 -4.19
C LEU A 441 -19.40 -20.22 -5.54
N LYS A 442 -20.19 -21.03 -6.24
CA LYS A 442 -19.87 -21.48 -7.59
C LYS A 442 -21.16 -21.64 -8.37
N PRO A 443 -21.13 -21.44 -9.69
CA PRO A 443 -22.28 -21.81 -10.53
C PRO A 443 -22.30 -23.32 -10.74
N GLU A 444 -23.40 -23.95 -10.34
CA GLU A 444 -23.55 -25.39 -10.47
C GLU A 444 -24.19 -25.74 -11.81
N GLY A 445 -23.64 -26.74 -12.49
CA GLY A 445 -24.18 -27.19 -13.75
C GLY A 445 -23.87 -26.32 -14.95
N PHE A 446 -22.98 -25.33 -14.80
CA PHE A 446 -22.64 -24.46 -15.91
C PHE A 446 -21.88 -25.23 -16.98
N VAL A 447 -22.44 -25.28 -18.19
CA VAL A 447 -21.82 -25.96 -19.32
C VAL A 447 -21.85 -25.05 -20.54
N VAL A 448 -20.84 -25.18 -21.39
CA VAL A 448 -20.77 -24.45 -22.66
C VAL A 448 -20.22 -25.38 -23.72
N LYS A 449 -20.40 -24.98 -24.97
CA LYS A 449 -19.69 -25.55 -26.10
C LYS A 449 -18.71 -24.52 -26.63
N ALA A 450 -17.50 -24.99 -26.90
CA ALA A 450 -16.43 -24.15 -27.44
C ALA A 450 -15.88 -24.78 -28.69
N LYS A 451 -15.87 -23.99 -29.76
CA LYS A 451 -15.30 -24.41 -31.02
C LYS A 451 -14.00 -23.67 -31.30
N SER A 452 -12.95 -24.45 -31.58
CA SER A 452 -11.62 -23.91 -31.61
C SER A 452 -11.44 -22.95 -32.78
N LYS A 453 -10.60 -21.92 -32.55
CA LYS A 453 -10.16 -21.02 -33.62
C LYS A 453 -8.93 -21.53 -34.37
N LYS A 454 -8.43 -22.71 -33.99
CA LYS A 454 -7.32 -23.38 -34.67
C LYS A 454 -6.06 -22.52 -34.71
N ILE A 455 -5.67 -22.01 -33.54
CA ILE A 455 -4.42 -21.26 -33.38
C ILE A 455 -3.44 -22.16 -32.63
N PRO A 456 -2.31 -22.53 -33.23
CA PRO A 456 -1.42 -23.50 -32.59
C PRO A 456 -0.71 -22.90 -31.39
N LEU A 457 -0.17 -23.80 -30.56
CA LEU A 457 0.54 -23.42 -29.34
C LEU A 457 2.05 -23.49 -29.55
N LYS B 5 27.56 -3.45 -19.36
CA LYS B 5 28.89 -3.26 -18.81
C LYS B 5 29.39 -1.83 -19.02
N GLU B 6 29.22 -1.32 -20.24
CA GLU B 6 29.61 0.05 -20.56
C GLU B 6 28.48 1.01 -20.18
N MET B 7 28.82 2.06 -19.44
CA MET B 7 27.83 2.95 -18.84
C MET B 7 27.55 4.14 -19.74
N PRO B 8 26.29 4.48 -19.98
CA PRO B 8 25.98 5.69 -20.77
C PRO B 8 26.39 6.95 -20.02
N GLN B 9 26.44 8.05 -20.77
CA GLN B 9 26.83 9.36 -20.25
C GLN B 9 26.28 10.48 -21.12
N PRO B 10 25.66 11.50 -20.52
CA PRO B 10 25.08 12.59 -21.33
C PRO B 10 26.14 13.45 -22.02
N LYS B 11 25.69 14.45 -22.78
CA LYS B 11 26.60 15.25 -23.57
C LYS B 11 27.57 16.05 -22.70
N THR B 12 28.75 16.30 -23.24
CA THR B 12 29.86 16.91 -22.50
C THR B 12 30.23 18.26 -23.09
N PHE B 13 30.88 19.08 -22.26
CA PHE B 13 31.24 20.44 -22.63
C PHE B 13 32.75 20.65 -22.51
N GLY B 14 33.53 19.85 -23.21
CA GLY B 14 34.98 20.01 -23.13
C GLY B 14 35.51 19.69 -21.76
N GLU B 15 36.40 20.55 -21.25
CA GLU B 15 37.04 20.32 -19.96
C GLU B 15 36.06 20.41 -18.79
N LEU B 16 34.89 21.00 -19.00
CA LEU B 16 33.87 21.06 -17.96
C LEU B 16 33.06 19.78 -17.83
N LYS B 17 33.24 18.83 -18.74
CA LYS B 17 32.57 17.51 -18.71
C LYS B 17 31.06 17.73 -18.73
N ASN B 18 30.29 17.19 -17.78
CA ASN B 18 28.84 17.32 -17.80
C ASN B 18 28.32 18.46 -16.92
N LEU B 19 29.21 19.19 -16.24
CA LEU B 19 28.75 20.19 -15.28
C LEU B 19 27.82 21.25 -15.86
N PRO B 20 28.04 21.79 -17.06
CA PRO B 20 27.10 22.79 -17.58
C PRO B 20 25.70 22.26 -17.77
N LEU B 21 25.51 20.94 -17.79
CA LEU B 21 24.16 20.39 -17.81
C LEU B 21 23.40 20.76 -16.54
N LEU B 22 24.13 21.02 -15.46
CA LEU B 22 23.55 21.42 -14.19
C LEU B 22 23.40 22.93 -14.06
N ASN B 23 23.96 23.71 -14.99
CA ASN B 23 23.83 25.16 -14.96
C ASN B 23 22.46 25.55 -15.52
N THR B 24 21.44 25.27 -14.70
CA THR B 24 20.06 25.54 -15.07
C THR B 24 19.27 25.79 -13.79
N ASP B 25 18.08 26.36 -13.95
CA ASP B 25 17.25 26.64 -12.79
C ASP B 25 16.40 25.45 -12.37
N LYS B 26 16.33 24.40 -13.17
CA LYS B 26 15.59 23.18 -12.85
C LYS B 26 16.46 21.96 -13.12
N PRO B 27 17.49 21.75 -12.29
CA PRO B 27 18.44 20.65 -12.59
C PRO B 27 17.88 19.26 -12.38
N VAL B 28 17.02 19.07 -11.37
CA VAL B 28 16.46 17.74 -11.14
C VAL B 28 15.58 17.31 -12.30
N GLN B 29 14.75 18.23 -12.81
CA GLN B 29 13.93 17.90 -13.96
C GLN B 29 14.79 17.63 -15.19
N ALA B 30 15.95 18.29 -15.30
CA ALA B 30 16.87 18.00 -16.39
C ALA B 30 17.53 16.63 -16.21
N LEU B 31 17.88 16.28 -14.96
CA LEU B 31 18.46 14.96 -14.72
C LEU B 31 17.43 13.86 -14.98
N MET B 32 16.15 14.12 -14.70
CA MET B 32 15.10 13.17 -15.03
C MET B 32 15.01 12.94 -16.53
N LYS B 33 15.15 14.01 -17.32
CA LYS B 33 15.09 13.86 -18.77
C LYS B 33 16.26 13.04 -19.29
N ILE B 34 17.45 13.25 -18.75
CA ILE B 34 18.61 12.45 -19.13
C ILE B 34 18.37 10.99 -18.77
N ALA B 35 17.74 10.74 -17.62
CA ALA B 35 17.41 9.37 -17.24
C ALA B 35 16.42 8.75 -18.21
N ASP B 36 15.46 9.54 -18.70
CA ASP B 36 14.51 9.03 -19.68
C ASP B 36 15.21 8.58 -20.96
N GLU B 37 16.27 9.29 -21.35
CA GLU B 37 16.96 8.98 -22.60
C GLU B 37 17.96 7.84 -22.42
N LEU B 38 18.66 7.79 -21.29
CA LEU B 38 19.76 6.86 -21.12
C LEU B 38 19.42 5.63 -20.30
N GLY B 39 18.34 5.65 -19.54
CA GLY B 39 17.94 4.46 -18.82
C GLY B 39 18.29 4.46 -17.35
N GLU B 40 18.49 3.26 -16.79
CA GLU B 40 18.53 3.09 -15.34
C GLU B 40 19.81 3.61 -14.69
N ILE B 41 20.87 3.81 -15.45
CA ILE B 41 22.12 4.32 -14.88
C ILE B 41 22.88 5.09 -15.95
N PHE B 42 23.50 6.20 -15.54
CA PHE B 42 24.41 6.92 -16.40
C PHE B 42 25.51 7.55 -15.56
N LYS B 43 26.68 7.69 -16.17
CA LYS B 43 27.81 8.33 -15.50
C LYS B 43 27.73 9.85 -15.66
N PHE B 44 28.11 10.56 -14.61
CA PHE B 44 28.11 12.02 -14.61
C PHE B 44 29.46 12.49 -14.09
N GLU B 45 30.20 13.21 -14.93
CA GLU B 45 31.52 13.71 -14.57
C GLU B 45 31.50 15.23 -14.48
N ALA B 46 32.28 15.75 -13.54
CA ALA B 46 32.49 17.17 -13.32
C ALA B 46 33.96 17.36 -12.95
N PRO B 47 34.49 18.59 -12.99
CA PRO B 47 35.88 18.80 -12.56
C PRO B 47 36.10 18.35 -11.12
N GLY B 48 36.92 17.32 -10.97
CA GLY B 48 37.22 16.80 -9.66
C GLY B 48 36.21 15.82 -9.10
N ARG B 49 35.17 15.48 -9.85
CA ARG B 49 34.13 14.60 -9.34
C ARG B 49 33.60 13.65 -10.41
N VAL B 50 33.25 12.43 -9.98
CA VAL B 50 32.56 11.44 -10.78
C VAL B 50 31.44 10.85 -9.94
N THR B 51 30.25 10.69 -10.54
CA THR B 51 29.15 10.01 -9.86
C THR B 51 28.30 9.27 -10.88
N ARG B 52 27.35 8.48 -10.37
CA ARG B 52 26.47 7.65 -11.20
C ARG B 52 25.04 7.80 -10.70
N TYR B 53 24.14 8.20 -11.58
CA TYR B 53 22.74 8.42 -11.23
C TYR B 53 21.92 7.16 -11.52
N LEU B 54 21.28 6.61 -10.48
CA LEU B 54 20.46 5.41 -10.60
C LEU B 54 18.99 5.78 -10.63
N SER B 55 18.22 5.06 -11.45
CA SER B 55 16.79 5.35 -11.63
C SER B 55 15.87 4.14 -11.49
N SER B 56 16.39 2.93 -11.45
CA SER B 56 15.55 1.74 -11.42
C SER B 56 15.52 1.13 -10.03
N GLN B 57 14.38 0.54 -9.68
CA GLN B 57 14.28 -0.19 -8.43
C GLN B 57 15.27 -1.34 -8.38
N ARG B 58 15.59 -1.93 -9.54
CA ARG B 58 16.47 -3.09 -9.56
C ARG B 58 17.86 -2.75 -9.04
N LEU B 59 18.42 -1.62 -9.46
CA LEU B 59 19.74 -1.23 -9.00
C LEU B 59 19.72 -0.49 -7.67
N ILE B 60 18.65 0.26 -7.39
CA ILE B 60 18.59 1.01 -6.15
C ILE B 60 18.38 0.08 -4.96
N LYS B 61 17.71 -1.06 -5.17
CA LYS B 61 17.57 -2.02 -4.07
C LYS B 61 18.92 -2.59 -3.64
N GLU B 62 19.89 -2.67 -4.56
CA GLU B 62 21.22 -3.11 -4.18
C GLU B 62 21.99 -2.01 -3.46
N ALA B 63 21.85 -0.76 -3.92
CA ALA B 63 22.56 0.34 -3.29
C ALA B 63 22.06 0.60 -1.87
N CYS B 64 20.81 0.21 -1.58
CA CYS B 64 20.26 0.38 -0.24
C CYS B 64 20.68 -0.72 0.71
N ASP B 65 21.49 -1.66 0.26
CA ASP B 65 22.13 -2.64 1.13
C ASP B 65 23.18 -1.93 1.96
N GLU B 66 22.94 -1.81 3.27
CA GLU B 66 23.85 -1.06 4.13
C GLU B 66 25.16 -1.77 4.38
N SER B 67 25.22 -3.10 4.19
CA SER B 67 26.48 -3.81 4.31
C SER B 67 27.41 -3.51 3.14
N ARG B 68 26.87 -3.01 2.03
CA ARG B 68 27.67 -2.71 0.86
C ARG B 68 27.83 -1.23 0.58
N PHE B 69 26.92 -0.39 1.06
CA PHE B 69 26.96 1.05 0.79
C PHE B 69 26.62 1.85 2.04
N ASP B 70 27.28 2.99 2.19
CA ASP B 70 27.04 3.92 3.28
C ASP B 70 26.61 5.26 2.69
N LYS B 71 26.02 6.10 3.54
CA LYS B 71 25.64 7.44 3.12
C LYS B 71 26.86 8.25 2.70
N ASN B 72 26.77 8.88 1.53
CA ASN B 72 27.77 9.80 1.03
C ASN B 72 27.21 11.22 1.15
N LEU B 73 28.12 12.18 1.34
CA LEU B 73 27.74 13.60 1.34
C LEU B 73 27.84 14.12 -0.08
N SER B 74 26.70 14.47 -0.68
CA SER B 74 26.72 15.16 -1.96
C SER B 74 27.41 16.50 -1.81
N GLN B 75 27.78 17.08 -2.96
CA GLN B 75 28.42 18.40 -2.95
C GLN B 75 27.52 19.44 -2.29
N ALA B 76 26.20 19.32 -2.49
CA ALA B 76 25.27 20.23 -1.83
C ALA B 76 25.34 20.10 -0.32
N LEU B 77 25.44 18.87 0.18
CA LEU B 77 25.54 18.66 1.62
C LEU B 77 26.91 19.05 2.16
N LYS B 78 27.98 18.87 1.38
CA LYS B 78 29.30 19.29 1.81
C LYS B 78 29.36 20.80 2.04
N PHE B 79 28.84 21.58 1.09
CA PHE B 79 28.83 23.02 1.24
C PHE B 79 27.91 23.47 2.37
N SER B 80 26.82 22.74 2.60
CA SER B 80 25.90 23.08 3.67
C SER B 80 26.51 22.89 5.05
N ARG B 81 27.64 22.18 5.16
CA ARG B 81 28.31 22.02 6.44
C ARG B 81 28.79 23.37 7.00
N ASP B 82 28.93 24.39 6.14
CA ASP B 82 29.35 25.70 6.60
C ASP B 82 28.36 26.32 7.57
N PHE B 83 27.11 25.86 7.59
CA PHE B 83 26.15 26.35 8.58
C PHE B 83 25.52 25.20 9.37
N ALA B 84 25.43 24.02 8.77
CA ALA B 84 24.86 22.86 9.45
C ALA B 84 25.90 21.98 10.13
N GLY B 85 27.19 22.21 9.89
CA GLY B 85 28.25 21.53 10.60
C GLY B 85 28.15 20.03 10.53
N ASP B 86 28.43 19.37 11.65
CA ASP B 86 28.21 17.93 11.78
C ASP B 86 26.89 17.62 12.46
N GLY B 87 25.84 18.40 12.17
CA GLY B 87 24.49 18.04 12.53
C GLY B 87 24.06 16.73 11.87
N LEU B 88 22.87 16.25 12.20
CA LEU B 88 22.47 14.91 11.81
C LEU B 88 22.52 14.70 10.31
N LEU B 89 22.09 15.70 9.53
CA LEU B 89 21.95 15.51 8.09
C LEU B 89 23.26 15.67 7.33
N THR B 90 24.18 16.51 7.81
CA THR B 90 25.38 16.83 7.05
C THR B 90 26.64 16.19 7.62
N SER B 91 26.50 15.20 8.51
CA SER B 91 27.64 14.50 9.08
C SER B 91 27.81 13.13 8.41
N TRP B 92 29.04 12.63 8.44
CA TRP B 92 29.32 11.29 7.94
C TRP B 92 28.96 10.26 9.00
N THR B 93 28.60 9.06 8.55
CA THR B 93 28.20 8.01 9.49
C THR B 93 29.31 7.65 10.47
N HIS B 94 30.57 7.83 10.06
CA HIS B 94 31.69 7.47 10.91
C HIS B 94 32.14 8.60 11.83
N GLU B 95 31.59 9.80 11.68
CA GLU B 95 31.87 10.87 12.63
C GLU B 95 31.19 10.57 13.95
N LYS B 96 31.94 10.74 15.05
CA LYS B 96 31.40 10.41 16.37
C LYS B 96 30.07 11.10 16.65
N ASN B 97 29.92 12.33 16.15
CA ASN B 97 28.74 13.13 16.50
C ASN B 97 27.47 12.66 15.81
N TRP B 98 27.55 11.86 14.74
CA TRP B 98 26.31 11.35 14.17
C TRP B 98 25.64 10.36 15.11
N LYS B 99 26.32 9.25 15.40
CA LYS B 99 25.72 8.20 16.24
C LYS B 99 25.32 8.74 17.60
N LYS B 100 26.14 9.62 18.17
CA LYS B 100 25.82 10.24 19.45
C LYS B 100 24.50 11.01 19.36
N ALA B 101 24.37 11.87 18.35
CA ALA B 101 23.14 12.66 18.20
C ALA B 101 21.95 11.77 17.82
N HIS B 102 22.20 10.76 16.99
CA HIS B 102 21.13 9.84 16.60
C HIS B 102 20.55 9.13 17.81
N ASN B 103 21.41 8.67 18.73
CA ASN B 103 20.93 8.00 19.93
C ASN B 103 20.20 8.97 20.86
N ILE B 104 20.69 10.22 20.94
CA ILE B 104 20.11 11.18 21.86
C ILE B 104 18.77 11.69 21.36
N LEU B 105 18.56 11.74 20.04
CA LEU B 105 17.40 12.41 19.47
C LEU B 105 16.29 11.49 18.98
N LEU B 106 16.58 10.22 18.68
CA LEU B 106 15.50 9.29 18.31
C LEU B 106 14.32 9.28 19.27
N PRO B 107 14.50 9.33 20.60
CA PRO B 107 13.32 9.34 21.48
C PRO B 107 12.38 10.51 21.29
N SER B 108 12.90 11.67 20.86
CA SER B 108 12.03 12.82 20.66
C SER B 108 11.19 12.72 19.37
N PHE B 109 11.23 11.59 18.66
CA PHE B 109 10.37 11.36 17.51
C PHE B 109 9.55 10.08 17.65
N SER B 110 9.43 9.56 18.87
CA SER B 110 8.63 8.38 19.12
C SER B 110 7.15 8.72 19.18
N GLN B 111 6.32 7.68 19.32
CA GLN B 111 4.87 7.88 19.34
C GLN B 111 4.44 8.72 20.54
N GLN B 112 5.03 8.47 21.71
CA GLN B 112 4.72 9.27 22.88
C GLN B 112 5.17 10.72 22.70
N ALA B 113 6.27 10.93 21.97
CA ALA B 113 6.69 12.29 21.67
C ALA B 113 5.73 12.96 20.69
N MET B 114 5.24 12.21 19.70
CA MET B 114 4.26 12.75 18.77
C MET B 114 3.02 13.25 19.50
N LYS B 115 2.52 12.47 20.46
CA LYS B 115 1.33 12.87 21.22
C LYS B 115 1.55 14.19 21.94
N GLY B 116 2.77 14.43 22.43
CA GLY B 116 3.06 15.68 23.09
C GLY B 116 3.18 16.86 22.13
N TYR B 117 3.64 16.61 20.90
CA TYR B 117 3.73 17.68 19.91
C TYR B 117 2.36 18.07 19.36
N HIS B 118 1.38 17.17 19.46
CA HIS B 118 0.13 17.33 18.71
C HIS B 118 -0.57 18.64 19.04
N ALA B 119 -0.64 18.99 20.32
CA ALA B 119 -1.33 20.21 20.72
C ALA B 119 -0.74 21.44 20.03
N MET B 120 0.58 21.52 19.96
CA MET B 120 1.19 22.70 19.34
C MET B 120 1.05 22.68 17.83
N MET B 121 0.98 21.49 17.22
CA MET B 121 0.66 21.40 15.80
C MET B 121 -0.71 21.99 15.51
N VAL B 122 -1.70 21.71 16.36
CA VAL B 122 -3.02 22.26 16.18
C VAL B 122 -3.01 23.78 16.32
N ASP B 123 -2.22 24.30 17.26
CA ASP B 123 -2.09 25.74 17.45
C ASP B 123 -1.78 26.44 16.14
N ILE B 124 -0.78 25.93 15.41
CA ILE B 124 -0.38 26.56 14.15
C ILE B 124 -1.41 26.27 13.06
N ALA B 125 -1.93 25.04 13.03
CA ALA B 125 -2.93 24.67 12.03
C ALA B 125 -4.18 25.53 12.15
N VAL B 126 -4.56 25.91 13.37
CA VAL B 126 -5.72 26.77 13.55
C VAL B 126 -5.44 28.16 13.02
N GLN B 127 -4.22 28.67 13.23
CA GLN B 127 -3.85 29.97 12.67
C GLN B 127 -3.99 29.99 11.16
N LEU B 128 -3.64 28.87 10.49
CA LEU B 128 -3.79 28.78 9.05
C LEU B 128 -5.25 28.85 8.64
N VAL B 129 -6.10 28.04 9.29
CA VAL B 129 -7.52 28.00 8.93
C VAL B 129 -8.15 29.37 9.14
N GLN B 130 -7.77 30.07 10.20
CA GLN B 130 -8.38 31.35 10.50
C GLN B 130 -7.94 32.43 9.51
N LYS B 131 -6.69 32.39 9.06
CA LYS B 131 -6.25 33.33 8.03
C LYS B 131 -7.10 33.19 6.78
N TRP B 132 -7.35 31.95 6.36
CA TRP B 132 -8.07 31.72 5.11
C TRP B 132 -9.55 32.06 5.25
N GLU B 133 -10.12 31.83 6.42
CA GLU B 133 -11.51 32.22 6.66
C GLU B 133 -11.70 33.72 6.80
N ARG B 134 -10.62 34.47 6.97
CA ARG B 134 -10.68 35.92 7.11
C ARG B 134 -10.40 36.65 5.80
N LEU B 135 -10.32 35.91 4.70
CA LEU B 135 -10.12 36.52 3.39
C LEU B 135 -11.41 37.15 2.88
N ASN B 136 -11.25 38.23 2.13
CA ASN B 136 -12.39 38.93 1.55
C ASN B 136 -12.84 38.24 0.27
N ALA B 137 -13.91 38.76 -0.32
CA ALA B 137 -14.44 38.17 -1.55
C ALA B 137 -13.38 38.16 -2.64
N ASP B 138 -13.28 37.03 -3.32
CA ASP B 138 -12.42 36.82 -4.49
C ASP B 138 -10.93 37.02 -4.20
N GLU B 139 -10.54 37.10 -2.93
CA GLU B 139 -9.13 37.02 -2.61
C GLU B 139 -8.69 35.57 -2.68
N HIS B 140 -7.45 35.35 -3.08
CA HIS B 140 -6.94 34.00 -3.28
C HIS B 140 -5.84 33.71 -2.27
N ILE B 141 -5.36 32.47 -2.31
CA ILE B 141 -4.36 31.97 -1.38
C ILE B 141 -3.11 31.63 -2.17
N GLU B 142 -1.96 32.09 -1.69
CA GLU B 142 -0.67 31.70 -2.25
C GLU B 142 -0.22 30.46 -1.49
N VAL B 143 -0.40 29.29 -2.09
CA VAL B 143 -0.33 28.03 -1.36
C VAL B 143 1.08 27.78 -0.81
N PRO B 144 2.13 27.71 -1.64
CA PRO B 144 3.45 27.38 -1.08
C PRO B 144 3.93 28.36 -0.02
N GLU B 145 3.60 29.65 -0.17
CA GLU B 145 3.99 30.63 0.84
C GLU B 145 3.31 30.36 2.18
N ASP B 146 2.00 30.08 2.16
CA ASP B 146 1.29 29.79 3.39
C ASP B 146 1.69 28.45 3.98
N MET B 147 2.06 27.48 3.14
CA MET B 147 2.54 26.21 3.66
C MET B 147 3.88 26.38 4.37
N THR B 148 4.75 27.23 3.83
CA THR B 148 6.03 27.49 4.50
C THR B 148 5.81 28.22 5.83
N ARG B 149 4.85 29.14 5.87
CA ARG B 149 4.49 29.78 7.13
C ARG B 149 4.13 28.73 8.17
N LEU B 150 3.33 27.74 7.79
CA LEU B 150 2.87 26.76 8.76
C LEU B 150 3.99 25.83 9.20
N THR B 151 4.78 25.32 8.24
CA THR B 151 5.76 24.29 8.61
C THR B 151 6.91 24.88 9.42
N LEU B 152 7.32 26.10 9.09
CA LEU B 152 8.37 26.75 9.87
C LEU B 152 7.89 27.05 11.29
N ASP B 153 6.67 27.57 11.42
CA ASP B 153 6.14 27.85 12.75
C ASP B 153 5.97 26.58 13.56
N THR B 154 5.59 25.48 12.90
CA THR B 154 5.37 24.23 13.62
C THR B 154 6.67 23.66 14.18
N ILE B 155 7.75 23.66 13.39
CA ILE B 155 9.00 23.15 13.93
C ILE B 155 9.57 24.07 15.00
N GLY B 156 9.37 25.38 14.85
CA GLY B 156 9.82 26.30 15.88
C GLY B 156 9.08 26.10 17.20
N LEU B 157 7.75 25.99 17.13
CA LEU B 157 6.96 25.85 18.35
C LEU B 157 7.11 24.45 18.95
N CYS B 158 6.93 23.41 18.14
CA CYS B 158 7.00 22.04 18.66
C CYS B 158 8.40 21.68 19.10
N GLY B 159 9.41 22.08 18.33
CA GLY B 159 10.78 21.68 18.65
C GLY B 159 11.46 22.54 19.68
N PHE B 160 11.18 23.84 19.69
CA PHE B 160 12.00 24.78 20.45
C PHE B 160 11.21 25.78 21.28
N ASN B 161 9.88 25.69 21.30
CA ASN B 161 9.02 26.65 22.00
C ASN B 161 9.38 28.09 21.62
N TYR B 162 9.73 28.29 20.35
CA TYR B 162 9.96 29.61 19.80
C TYR B 162 8.91 29.89 18.73
N ARG B 163 8.35 31.09 18.75
CA ARG B 163 7.29 31.46 17.83
C ARG B 163 7.85 32.38 16.75
N PHE B 164 7.90 31.87 15.52
CA PHE B 164 8.29 32.70 14.39
C PHE B 164 7.19 33.67 13.99
N ASN B 165 5.94 33.39 14.38
CA ASN B 165 4.78 34.25 14.10
C ASN B 165 4.70 34.62 12.62
N SER B 166 4.80 33.60 11.77
CA SER B 166 4.82 33.81 10.33
C SER B 166 3.50 34.37 9.82
N PHE B 167 2.39 34.04 10.47
CA PHE B 167 1.08 34.53 10.06
C PHE B 167 0.83 35.96 10.50
N TYR B 168 1.79 36.60 11.15
CA TYR B 168 1.73 38.02 11.51
C TYR B 168 2.64 38.79 10.55
N ARG B 169 3.11 38.16 9.50
CA ARG B 169 4.09 38.78 8.59
C ARG B 169 3.66 38.67 7.12
N ASP B 170 3.88 39.73 6.33
CA ASP B 170 3.59 39.58 4.89
C ASP B 170 4.90 39.18 4.23
N GLN B 171 5.99 39.67 4.77
CA GLN B 171 7.32 39.28 4.27
C GLN B 171 7.75 38.04 5.03
N PRO B 172 8.74 37.27 4.55
CA PRO B 172 9.17 36.11 5.27
C PRO B 172 10.00 36.54 6.49
N HIS B 173 10.11 35.64 7.45
CA HIS B 173 10.89 35.92 8.67
C HIS B 173 12.35 36.09 8.28
N PRO B 174 13.12 36.99 8.92
CA PRO B 174 14.51 37.25 8.56
C PRO B 174 15.34 35.96 8.61
N PHE B 175 14.90 35.01 9.41
CA PHE B 175 15.66 33.76 9.38
C PHE B 175 15.61 33.12 8.00
N ILE B 176 14.42 33.02 7.39
CA ILE B 176 14.40 32.26 6.15
C ILE B 176 14.90 33.10 4.97
N THR B 177 14.87 34.42 5.07
CA THR B 177 15.49 35.24 4.05
C THR B 177 16.99 34.92 3.93
N SER B 178 17.69 34.85 5.07
CA SER B 178 19.09 34.46 5.08
C SER B 178 19.20 32.97 4.77
N MET B 179 18.23 32.18 5.21
CA MET B 179 18.29 30.72 4.97
C MET B 179 18.26 30.47 3.46
N VAL B 180 17.28 31.08 2.81
CA VAL B 180 17.15 30.94 1.36
C VAL B 180 18.37 31.49 0.61
N ARG B 181 18.89 32.64 1.04
CA ARG B 181 20.02 33.25 0.36
C ARG B 181 21.30 32.43 0.55
N ALA B 182 21.47 31.82 1.73
CA ALA B 182 22.60 30.93 1.94
C ALA B 182 22.48 29.68 1.07
N LEU B 183 21.30 29.07 1.03
CA LEU B 183 21.10 27.91 0.19
C LEU B 183 21.24 28.24 -1.29
N ASP B 184 20.83 29.45 -1.69
CA ASP B 184 21.02 29.86 -3.08
C ASP B 184 22.50 29.98 -3.42
N GLU B 185 23.32 30.43 -2.46
CA GLU B 185 24.75 30.49 -2.69
C GLU B 185 25.35 29.10 -2.73
N VAL B 186 24.85 28.18 -1.90
CA VAL B 186 25.25 26.78 -2.00
C VAL B 186 24.93 26.25 -3.40
N MET B 187 23.72 26.54 -3.88
CA MET B 187 23.36 26.17 -5.25
C MET B 187 24.34 26.74 -6.26
N ASN B 188 24.79 27.97 -6.05
CA ASN B 188 25.65 28.62 -7.03
C ASN B 188 27.04 28.00 -7.03
N LYS B 189 27.53 27.61 -5.85
CA LYS B 189 28.84 26.96 -5.78
C LYS B 189 28.88 25.63 -6.53
N LEU B 190 27.73 24.98 -6.73
CA LEU B 190 27.72 23.74 -7.50
C LEU B 190 28.07 24.01 -8.96
N GLN B 191 27.32 24.89 -9.61
CA GLN B 191 27.47 25.18 -11.03
C GLN B 191 28.59 26.19 -11.33
N ARG B 192 29.39 26.58 -10.34
CA ARG B 192 30.44 27.58 -10.56
C ARG B 192 31.43 27.06 -11.59
N PRO B 195 36.49 28.67 -9.76
CA PRO B 195 37.56 29.36 -9.04
C PRO B 195 37.03 30.32 -7.98
N ASP B 196 37.95 30.98 -7.29
CA ASP B 196 37.64 31.90 -6.20
C ASP B 196 38.33 33.24 -6.48
N ASP B 197 37.99 33.83 -7.63
CA ASP B 197 38.53 35.13 -8.00
C ASP B 197 37.99 36.20 -7.07
N PRO B 198 38.58 37.40 -7.11
CA PRO B 198 38.07 38.48 -6.25
C PRO B 198 36.61 38.82 -6.49
N ALA B 199 36.10 38.57 -7.70
CA ALA B 199 34.71 38.89 -8.03
C ALA B 199 33.73 38.27 -7.04
N TYR B 200 34.10 37.16 -6.42
CA TYR B 200 33.21 36.46 -5.49
C TYR B 200 33.36 36.93 -4.05
N ASP B 201 34.16 37.97 -3.81
CA ASP B 201 34.38 38.42 -2.43
C ASP B 201 33.06 38.85 -1.78
N GLU B 202 32.24 39.60 -2.51
CA GLU B 202 30.94 40.00 -1.96
C GLU B 202 30.05 38.79 -1.69
N ASN B 203 30.04 37.82 -2.62
CA ASN B 203 29.26 36.60 -2.41
C ASN B 203 29.72 35.85 -1.17
N LYS B 204 31.03 35.81 -0.92
CA LYS B 204 31.51 35.18 0.30
C LYS B 204 31.17 36.03 1.52
N ARG B 205 31.20 37.35 1.38
CA ARG B 205 30.78 38.22 2.46
C ARG B 205 29.30 38.04 2.76
N GLN B 206 28.47 37.96 1.72
CA GLN B 206 27.04 37.78 1.94
C GLN B 206 26.74 36.43 2.60
N PHE B 207 27.46 35.39 2.20
CA PHE B 207 27.30 34.07 2.82
C PHE B 207 27.57 34.15 4.32
N GLN B 208 28.65 34.83 4.71
CA GLN B 208 29.02 34.91 6.12
C GLN B 208 28.01 35.73 6.92
N GLU B 209 27.44 36.77 6.32
CA GLU B 209 26.42 37.54 7.01
C GLU B 209 25.15 36.72 7.23
N ASP B 210 24.76 35.93 6.21
CA ASP B 210 23.52 35.14 6.33
C ASP B 210 23.68 34.01 7.33
N ILE B 211 24.87 33.40 7.40
CA ILE B 211 25.12 32.37 8.40
C ILE B 211 25.08 32.97 9.80
N LYS B 212 25.62 34.19 9.95
CA LYS B 212 25.59 34.86 11.26
C LYS B 212 24.16 35.17 11.69
N VAL B 213 23.30 35.56 10.74
CA VAL B 213 21.89 35.81 11.07
C VAL B 213 21.25 34.56 11.64
N MET B 214 21.51 33.40 11.02
CA MET B 214 20.95 32.14 11.51
C MET B 214 21.51 31.80 12.90
N ASN B 215 22.82 31.97 13.08
CA ASN B 215 23.42 31.70 14.40
C ASN B 215 22.87 32.63 15.46
N ASP B 216 22.51 33.86 15.07
CA ASP B 216 21.92 34.79 16.03
C ASP B 216 20.56 34.29 16.53
N LEU B 217 19.73 33.75 15.63
CA LEU B 217 18.47 33.15 16.05
C LEU B 217 18.70 31.98 16.99
N VAL B 218 19.68 31.14 16.66
CA VAL B 218 20.00 30.00 17.52
C VAL B 218 20.41 30.45 18.90
N ASP B 219 21.20 31.53 18.98
CA ASP B 219 21.60 32.07 20.28
C ASP B 219 20.39 32.53 21.08
N LYS B 220 19.44 33.21 20.43
CA LYS B 220 18.22 33.62 21.12
C LYS B 220 17.43 32.41 21.60
N ILE B 221 17.33 31.37 20.77
CA ILE B 221 16.58 30.17 21.16
C ILE B 221 17.20 29.53 22.40
N ILE B 222 18.54 29.45 22.44
CA ILE B 222 19.19 28.78 23.55
C ILE B 222 19.11 29.62 24.82
N ALA B 223 19.39 30.93 24.71
CA ALA B 223 19.35 31.79 25.88
C ALA B 223 17.95 31.87 26.48
N ASP B 224 16.92 31.91 25.61
CA ASP B 224 15.55 31.89 26.11
C ASP B 224 15.29 30.65 26.95
N ARG B 225 15.79 29.48 26.52
CA ARG B 225 15.57 28.25 27.26
C ARG B 225 16.27 28.27 28.60
N LYS B 226 17.51 28.76 28.65
CA LYS B 226 18.24 28.83 29.91
C LYS B 226 17.55 29.74 30.92
N ALA B 227 17.07 30.89 30.45
CA ALA B 227 16.32 31.83 31.28
C ALA B 227 14.84 31.47 31.42
N SER B 228 14.39 30.36 30.85
CA SER B 228 12.96 30.12 30.72
C SER B 228 12.30 29.91 32.08
N GLY B 229 12.80 28.94 32.84
CA GLY B 229 12.28 28.65 34.16
C GLY B 229 11.14 27.65 34.15
N GLU B 230 10.39 27.56 33.05
CA GLU B 230 9.40 26.51 32.91
C GLU B 230 10.07 25.20 32.51
N GLN B 231 9.30 24.12 32.59
CA GLN B 231 9.74 22.81 32.14
C GLN B 231 9.06 22.46 30.83
N SER B 232 9.85 22.23 29.79
CA SER B 232 9.37 21.78 28.51
C SER B 232 9.84 20.36 28.28
N ASP B 233 9.15 19.65 27.38
CA ASP B 233 9.55 18.30 26.96
C ASP B 233 9.48 18.26 25.44
N ASP B 234 10.35 19.03 24.79
CA ASP B 234 10.38 19.09 23.34
C ASP B 234 11.75 18.64 22.81
N LEU B 235 11.98 18.93 21.54
CA LEU B 235 13.24 18.57 20.90
C LEU B 235 14.42 19.24 21.59
N LEU B 236 14.28 20.54 21.88
CA LEU B 236 15.36 21.28 22.52
C LEU B 236 15.73 20.68 23.87
N THR B 237 14.76 20.17 24.61
CA THR B 237 15.04 19.61 25.93
C THR B 237 15.96 18.40 25.82
N HIS B 238 15.65 17.48 24.91
CA HIS B 238 16.51 16.32 24.71
C HIS B 238 17.88 16.73 24.19
N MET B 239 17.93 17.80 23.39
CA MET B 239 19.22 18.31 22.90
C MET B 239 20.11 18.75 24.05
N LEU B 240 19.54 19.42 25.07
CA LEU B 240 20.35 19.99 26.15
C LEU B 240 20.66 18.97 27.24
N ASN B 241 19.72 18.07 27.56
CA ASN B 241 19.84 17.21 28.72
C ASN B 241 20.03 15.74 28.39
N GLY B 242 19.67 15.30 27.18
CA GLY B 242 19.75 13.89 26.86
C GLY B 242 21.19 13.42 26.78
N LYS B 243 21.42 12.18 27.22
CA LYS B 243 22.76 11.62 27.28
C LYS B 243 22.84 10.38 26.42
N ASP B 244 23.92 10.28 25.65
CA ASP B 244 24.13 9.13 24.77
C ASP B 244 24.37 7.90 25.63
N PRO B 245 23.57 6.84 25.49
CA PRO B 245 23.78 5.65 26.34
C PRO B 245 25.12 4.98 26.14
N GLU B 246 25.74 5.11 24.97
CA GLU B 246 27.06 4.52 24.75
C GLU B 246 28.11 5.21 25.63
N THR B 247 28.42 6.46 25.31
CA THR B 247 29.49 7.19 25.99
C THR B 247 29.04 7.85 27.29
N GLY B 248 27.73 7.89 27.57
CA GLY B 248 27.25 8.59 28.74
C GLY B 248 27.20 10.09 28.57
N GLU B 249 27.75 10.64 27.48
CA GLU B 249 27.92 12.07 27.31
C GLU B 249 26.67 12.72 26.72
N PRO B 250 26.47 13.99 27.03
CA PRO B 250 25.48 14.80 26.29
C PRO B 250 26.17 15.47 25.10
N LEU B 251 25.34 16.11 24.28
CA LEU B 251 25.88 16.84 23.14
C LEU B 251 26.67 18.05 23.62
N ASP B 252 27.83 18.28 23.03
CA ASP B 252 28.62 19.43 23.41
C ASP B 252 28.04 20.68 22.74
N ASP B 253 28.70 21.83 22.97
CA ASP B 253 28.05 23.08 22.64
C ASP B 253 28.02 23.38 21.15
N GLU B 254 29.06 23.02 20.37
CA GLU B 254 28.96 23.32 18.94
C GLU B 254 27.83 22.50 18.31
N ASN B 255 27.69 21.24 18.74
CA ASN B 255 26.81 20.34 18.02
C ASN B 255 25.35 20.72 18.23
N ILE B 256 25.00 21.19 19.42
CA ILE B 256 23.63 21.61 19.67
C ILE B 256 23.21 22.72 18.71
N ARG B 257 24.07 23.72 18.52
CA ARG B 257 23.69 24.79 17.60
C ARG B 257 23.66 24.29 16.16
N TYR B 258 24.54 23.35 15.80
CA TYR B 258 24.43 22.74 14.48
C TYR B 258 23.13 21.96 14.33
N GLN B 259 22.69 21.27 15.40
CA GLN B 259 21.43 20.53 15.30
C GLN B 259 20.25 21.47 15.21
N ILE B 260 20.29 22.59 15.94
CA ILE B 260 19.17 23.54 15.91
C ILE B 260 19.00 24.11 14.51
N ILE B 261 20.09 24.60 13.92
CA ILE B 261 20.07 25.05 12.53
C ILE B 261 19.56 23.92 11.63
N THR B 262 20.10 22.72 11.83
CA THR B 262 19.74 21.57 10.99
C THR B 262 18.24 21.30 11.04
N PHE B 263 17.68 21.23 12.26
CA PHE B 263 16.28 20.85 12.39
C PHE B 263 15.35 21.98 11.96
N LEU B 264 15.76 23.24 12.14
CA LEU B 264 14.94 24.34 11.64
C LEU B 264 14.78 24.26 10.13
N ILE B 265 15.84 23.92 9.41
CA ILE B 265 15.77 23.86 7.95
C ILE B 265 15.13 22.55 7.50
N ALA B 266 15.71 21.42 7.91
CA ALA B 266 15.17 20.13 7.52
C ALA B 266 13.75 19.94 8.01
N GLY B 267 13.41 20.58 9.13
CA GLY B 267 12.10 20.44 9.73
C GLY B 267 10.96 21.08 8.97
N HIS B 268 11.25 22.02 8.05
CA HIS B 268 10.13 22.73 7.43
C HIS B 268 10.11 22.75 5.91
N GLU B 269 11.25 22.78 5.22
CA GLU B 269 11.19 23.06 3.78
C GLU B 269 10.54 21.93 3.00
N THR B 270 11.00 20.69 3.19
CA THR B 270 10.42 19.58 2.43
C THR B 270 8.96 19.36 2.79
N THR B 271 8.58 19.66 4.03
CA THR B 271 7.20 19.42 4.45
C THR B 271 6.24 20.41 3.80
N SER B 272 6.66 21.67 3.63
CA SER B 272 5.77 22.63 2.97
C SER B 272 5.62 22.32 1.50
N GLY B 273 6.69 21.84 0.85
CA GLY B 273 6.57 21.39 -0.52
C GLY B 273 5.61 20.22 -0.66
N LEU B 274 5.68 19.25 0.25
CA LEU B 274 4.76 18.13 0.23
C LEU B 274 3.31 18.61 0.31
N LEU B 275 3.04 19.52 1.25
CA LEU B 275 1.68 20.03 1.40
C LEU B 275 1.23 20.78 0.14
N SER B 276 2.15 21.54 -0.47
CA SER B 276 1.80 22.27 -1.69
C SER B 276 1.49 21.31 -2.84
N PHE B 277 2.35 20.31 -3.05
CA PHE B 277 2.11 19.33 -4.09
C PHE B 277 0.82 18.56 -3.82
N ALA B 278 0.57 18.19 -2.57
CA ALA B 278 -0.65 17.45 -2.25
C ALA B 278 -1.89 18.26 -2.60
N LEU B 279 -1.87 19.56 -2.32
CA LEU B 279 -3.03 20.38 -2.65
C LEU B 279 -3.18 20.55 -4.16
N TYR B 280 -2.05 20.67 -4.88
CA TYR B 280 -2.11 20.76 -6.33
C TYR B 280 -2.80 19.53 -6.93
N PHE B 281 -2.32 18.34 -6.59
CA PHE B 281 -2.90 17.12 -7.14
C PHE B 281 -4.37 16.97 -6.73
N LEU B 282 -4.75 17.51 -5.57
CA LEU B 282 -6.14 17.40 -5.13
C LEU B 282 -7.07 18.25 -5.99
N VAL B 283 -6.69 19.49 -6.27
CA VAL B 283 -7.54 20.35 -7.10
C VAL B 283 -7.51 19.93 -8.56
N LYS B 284 -6.44 19.24 -8.98
CA LYS B 284 -6.37 18.73 -10.35
C LYS B 284 -7.10 17.40 -10.53
N ASN B 285 -7.54 16.78 -9.43
CA ASN B 285 -8.14 15.44 -9.48
C ASN B 285 -9.41 15.41 -8.62
N PRO B 286 -10.53 15.89 -9.14
CA PRO B 286 -11.73 16.06 -8.32
C PRO B 286 -12.28 14.76 -7.73
N HIS B 287 -12.06 13.62 -8.38
CA HIS B 287 -12.48 12.35 -7.78
C HIS B 287 -11.73 12.10 -6.48
N VAL B 288 -10.42 12.33 -6.49
CA VAL B 288 -9.61 12.12 -5.29
C VAL B 288 -10.00 13.11 -4.20
N LEU B 289 -10.16 14.39 -4.56
CA LEU B 289 -10.47 15.41 -3.56
C LEU B 289 -11.78 15.11 -2.84
N GLN B 290 -12.78 14.64 -3.57
CA GLN B 290 -14.06 14.29 -2.95
C GLN B 290 -13.88 13.14 -1.97
N LYS B 291 -13.10 12.13 -2.35
CA LYS B 291 -12.84 11.00 -1.47
C LYS B 291 -12.11 11.46 -0.21
N ALA B 292 -11.13 12.36 -0.36
CA ALA B 292 -10.39 12.84 0.80
C ALA B 292 -11.23 13.77 1.66
N ALA B 293 -12.10 14.57 1.06
CA ALA B 293 -12.93 15.48 1.84
C ALA B 293 -14.01 14.73 2.60
N GLU B 294 -14.55 13.66 2.02
CA GLU B 294 -15.51 12.82 2.75
C GLU B 294 -14.87 12.21 3.99
N GLU B 295 -13.64 11.72 3.88
CA GLU B 295 -12.97 11.12 5.03
C GLU B 295 -12.68 12.15 6.11
N ALA B 296 -12.15 13.31 5.73
CA ALA B 296 -11.91 14.36 6.71
C ALA B 296 -13.20 14.75 7.43
N ALA B 297 -14.30 14.84 6.70
CA ALA B 297 -15.57 15.25 7.30
C ALA B 297 -16.06 14.24 8.33
N ARG B 298 -15.95 12.95 8.02
CA ARG B 298 -16.49 11.93 8.93
C ARG B 298 -15.56 11.60 10.08
N VAL B 299 -14.25 11.81 9.93
CA VAL B 299 -13.30 11.50 10.99
C VAL B 299 -13.11 12.68 11.93
N LEU B 300 -12.95 13.88 11.38
CA LEU B 300 -12.69 15.08 12.18
C LEU B 300 -14.02 15.69 12.62
N VAL B 301 -14.65 15.05 13.62
CA VAL B 301 -15.96 15.48 14.10
C VAL B 301 -15.89 16.55 15.17
N ASP B 302 -14.71 16.85 15.70
CA ASP B 302 -14.54 17.83 16.77
C ASP B 302 -13.96 19.14 16.22
N PRO B 303 -14.15 20.26 16.91
CA PRO B 303 -13.56 21.51 16.41
C PRO B 303 -12.05 21.50 16.43
N VAL B 304 -11.45 20.65 17.28
CA VAL B 304 -10.01 20.52 17.37
C VAL B 304 -9.69 19.04 17.15
N PRO B 305 -8.91 18.69 16.12
CA PRO B 305 -8.60 17.28 15.89
C PRO B 305 -7.74 16.70 17.00
N SER B 306 -8.02 15.46 17.36
CA SER B 306 -7.25 14.74 18.36
C SER B 306 -6.14 13.94 17.71
N TYR B 307 -5.23 13.42 18.54
CA TYR B 307 -4.15 12.61 18.02
C TYR B 307 -4.69 11.35 17.36
N LYS B 308 -5.65 10.69 17.98
CA LYS B 308 -6.20 9.44 17.41
C LYS B 308 -6.93 9.74 16.11
N GLN B 309 -7.63 10.85 16.04
CA GLN B 309 -8.41 11.21 14.85
C GLN B 309 -7.49 11.39 13.64
N VAL B 310 -6.33 12.02 13.84
CA VAL B 310 -5.38 12.16 12.74
C VAL B 310 -4.90 10.79 12.26
N LYS B 311 -4.61 9.89 13.21
CA LYS B 311 -4.23 8.52 12.87
C LYS B 311 -5.27 7.83 11.98
N GLN B 312 -6.53 8.24 12.07
CA GLN B 312 -7.60 7.58 11.33
C GLN B 312 -7.79 8.11 9.92
N LEU B 313 -7.05 9.16 9.53
CA LEU B 313 -7.20 9.74 8.19
C LEU B 313 -6.35 8.93 7.20
N LYS B 314 -6.79 7.69 6.99
CA LYS B 314 -6.07 6.75 6.14
C LYS B 314 -5.92 7.28 4.71
N TYR B 315 -7.03 7.72 4.10
CA TYR B 315 -6.97 8.16 2.71
C TYR B 315 -6.13 9.41 2.53
N VAL B 316 -6.14 10.32 3.51
CA VAL B 316 -5.30 11.50 3.41
C VAL B 316 -3.83 11.10 3.40
N GLY B 317 -3.48 10.08 4.19
CA GLY B 317 -2.12 9.56 4.17
C GLY B 317 -1.77 8.93 2.84
N MET B 318 -2.71 8.22 2.22
CA MET B 318 -2.47 7.70 0.87
C MET B 318 -2.26 8.83 -0.12
N VAL B 319 -3.05 9.92 0.02
CA VAL B 319 -2.88 11.09 -0.83
C VAL B 319 -1.48 11.66 -0.67
N LEU B 320 -1.01 11.76 0.57
CA LEU B 320 0.31 12.32 0.82
C LEU B 320 1.41 11.43 0.26
N ASN B 321 1.25 10.12 0.39
CA ASN B 321 2.25 9.22 -0.16
C ASN B 321 2.27 9.27 -1.68
N GLU B 322 1.11 9.46 -2.32
CA GLU B 322 1.10 9.55 -3.78
C GLU B 322 1.68 10.88 -4.25
N ALA B 323 1.58 11.94 -3.44
CA ALA B 323 2.29 13.17 -3.75
C ALA B 323 3.79 12.99 -3.61
N LEU B 324 4.23 12.26 -2.58
CA LEU B 324 5.66 11.97 -2.43
C LEU B 324 6.16 11.06 -3.54
N ARG B 325 5.30 10.24 -4.13
CA ARG B 325 5.76 9.40 -5.23
C ARG B 325 6.12 10.25 -6.44
N LEU B 326 5.20 11.11 -6.88
CA LEU B 326 5.44 11.87 -8.11
C LEU B 326 6.49 12.95 -7.91
N TRP B 327 6.47 13.64 -6.78
CA TRP B 327 7.39 14.75 -6.51
C TRP B 327 7.93 14.64 -5.08
N PRO B 328 8.86 13.72 -4.85
CA PRO B 328 9.54 13.68 -3.54
C PRO B 328 10.33 14.95 -3.33
N THR B 329 9.99 15.68 -2.26
CA THR B 329 10.49 17.05 -2.12
C THR B 329 11.98 17.09 -1.85
N ALA B 330 12.55 16.04 -1.24
CA ALA B 330 13.99 15.88 -1.22
C ALA B 330 14.36 14.92 -2.34
N PRO B 331 14.78 15.41 -3.51
CA PRO B 331 14.74 14.58 -4.73
C PRO B 331 15.86 13.57 -4.86
N ALA B 332 16.87 13.58 -3.99
CA ALA B 332 17.99 12.65 -4.16
C ALA B 332 18.71 12.46 -2.84
N PHE B 333 19.47 11.36 -2.78
CA PHE B 333 20.45 11.17 -1.71
C PHE B 333 21.64 10.40 -2.29
N SER B 334 22.73 10.42 -1.55
CA SER B 334 24.02 9.95 -2.05
C SER B 334 24.50 8.74 -1.26
N LEU B 335 25.24 7.87 -1.95
CA LEU B 335 25.81 6.68 -1.36
C LEU B 335 27.21 6.47 -1.91
N TYR B 336 28.05 5.79 -1.14
CA TYR B 336 29.37 5.38 -1.62
C TYR B 336 29.60 3.91 -1.30
N ALA B 337 30.37 3.25 -2.15
CA ALA B 337 30.65 1.84 -1.96
C ALA B 337 31.65 1.66 -0.83
N LYS B 338 31.29 0.82 0.15
CA LYS B 338 32.18 0.58 1.28
C LYS B 338 33.37 -0.30 0.88
N GLU B 339 33.16 -1.24 -0.03
CA GLU B 339 34.22 -2.07 -0.58
C GLU B 339 34.01 -2.24 -2.07
N ASP B 340 35.02 -2.81 -2.73
CA ASP B 340 34.87 -3.22 -4.12
C ASP B 340 33.67 -4.16 -4.26
N THR B 341 32.82 -3.88 -5.25
CA THR B 341 31.60 -4.65 -5.43
C THR B 341 31.12 -4.47 -6.85
N VAL B 342 30.17 -5.32 -7.26
CA VAL B 342 29.58 -5.28 -8.58
C VAL B 342 28.11 -4.95 -8.43
N LEU B 343 27.63 -3.99 -9.23
CA LEU B 343 26.26 -3.50 -9.15
C LEU B 343 25.44 -4.11 -10.28
N GLY B 344 24.36 -4.79 -9.91
CA GLY B 344 23.50 -5.43 -10.90
C GLY B 344 24.17 -6.54 -11.68
N GLY B 345 25.30 -7.05 -11.19
CA GLY B 345 26.09 -8.06 -11.87
C GLY B 345 26.75 -7.64 -13.16
N GLU B 346 26.81 -6.34 -13.43
CA GLU B 346 27.30 -5.84 -14.73
C GLU B 346 28.10 -4.55 -14.61
N TYR B 347 27.98 -3.80 -13.51
CA TYR B 347 28.64 -2.50 -13.35
C TYR B 347 29.59 -2.62 -12.17
N PRO B 348 30.89 -2.88 -12.41
CA PRO B 348 31.83 -2.97 -11.29
C PRO B 348 32.13 -1.60 -10.70
N LEU B 349 32.20 -1.56 -9.37
CA LEU B 349 32.49 -0.33 -8.64
C LEU B 349 33.69 -0.55 -7.73
N GLU B 350 34.52 0.48 -7.60
CA GLU B 350 35.65 0.48 -6.70
C GLU B 350 35.26 1.04 -5.34
N LYS B 351 36.09 0.74 -4.34
CA LYS B 351 35.87 1.26 -3.00
C LYS B 351 35.91 2.78 -3.02
N GLY B 352 34.83 3.41 -2.54
CA GLY B 352 34.71 4.85 -2.51
C GLY B 352 33.90 5.42 -3.66
N ASP B 353 33.59 4.63 -4.68
CA ASP B 353 32.80 5.13 -5.80
C ASP B 353 31.44 5.62 -5.32
N GLU B 354 30.99 6.73 -5.88
CA GLU B 354 29.74 7.39 -5.46
C GLU B 354 28.56 7.03 -6.34
N LEU B 355 27.39 7.10 -5.73
CA LEU B 355 26.12 6.90 -6.42
C LEU B 355 25.15 8.00 -6.03
N MET B 356 24.25 8.32 -6.96
CA MET B 356 23.12 9.22 -6.73
C MET B 356 21.84 8.43 -6.94
N VAL B 357 20.93 8.47 -5.97
CA VAL B 357 19.60 7.90 -6.15
C VAL B 357 18.67 9.02 -6.60
N LEU B 358 18.20 8.94 -7.85
CA LEU B 358 17.29 9.94 -8.42
C LEU B 358 15.87 9.52 -8.05
N ILE B 359 15.39 10.04 -6.92
CA ILE B 359 14.14 9.55 -6.33
C ILE B 359 12.94 9.73 -7.27
N PRO B 360 12.74 10.88 -7.93
CA PRO B 360 11.58 10.98 -8.83
C PRO B 360 11.57 9.91 -9.92
N GLN B 361 12.75 9.53 -10.43
CA GLN B 361 12.79 8.52 -11.50
C GLN B 361 12.52 7.13 -10.95
N LEU B 362 13.09 6.80 -9.78
CA LEU B 362 12.78 5.52 -9.15
C LEU B 362 11.27 5.32 -9.01
N HIS B 363 10.56 6.37 -8.63
CA HIS B 363 9.12 6.33 -8.43
C HIS B 363 8.33 6.33 -9.73
N ARG B 364 9.01 6.38 -10.87
CA ARG B 364 8.38 6.28 -12.17
C ARG B 364 8.79 4.99 -12.90
N ASP B 365 9.35 4.04 -12.15
CA ASP B 365 9.77 2.75 -12.71
C ASP B 365 8.53 1.98 -13.17
N LYS B 366 8.33 1.93 -14.49
CA LYS B 366 7.12 1.30 -15.04
C LYS B 366 7.05 -0.18 -14.69
N THR B 367 8.20 -0.83 -14.53
CA THR B 367 8.20 -2.25 -14.17
C THR B 367 7.70 -2.50 -12.75
N ILE B 368 7.64 -1.47 -11.91
CA ILE B 368 7.17 -1.61 -10.53
C ILE B 368 5.74 -1.11 -10.38
N TRP B 369 5.45 0.09 -10.89
CA TRP B 369 4.17 0.75 -10.69
C TRP B 369 3.21 0.56 -11.85
N GLY B 370 3.66 -0.11 -12.89
CA GLY B 370 2.85 -0.33 -14.07
C GLY B 370 3.09 0.76 -15.09
N ASP B 371 2.23 0.79 -16.10
CA ASP B 371 2.49 1.63 -17.26
C ASP B 371 2.06 3.08 -17.04
N ASP B 372 1.12 3.33 -16.14
CA ASP B 372 0.51 4.65 -15.92
C ASP B 372 1.20 5.45 -14.82
N VAL B 373 2.54 5.48 -14.80
CA VAL B 373 3.26 6.05 -13.66
C VAL B 373 2.92 7.52 -13.44
N GLU B 374 2.58 8.26 -14.50
CA GLU B 374 2.40 9.69 -14.37
C GLU B 374 1.04 10.09 -13.79
N GLU B 375 0.13 9.14 -13.60
CA GLU B 375 -1.18 9.48 -13.05
C GLU B 375 -1.13 9.55 -11.54
N PHE B 376 -1.95 10.45 -10.99
CA PHE B 376 -2.05 10.63 -9.53
C PHE B 376 -3.17 9.71 -9.03
N ARG B 377 -2.79 8.58 -8.45
CA ARG B 377 -3.74 7.58 -7.95
C ARG B 377 -3.34 7.16 -6.54
N PRO B 378 -3.90 7.79 -5.51
CA PRO B 378 -3.55 7.39 -4.13
C PRO B 378 -3.90 5.94 -3.84
N GLU B 379 -4.81 5.34 -4.60
CA GLU B 379 -5.22 3.97 -4.35
C GLU B 379 -4.08 2.98 -4.54
N ARG B 380 -2.98 3.40 -5.20
CA ARG B 380 -1.78 2.58 -5.25
C ARG B 380 -1.33 2.16 -3.85
N PHE B 381 -1.70 2.94 -2.83
CA PHE B 381 -1.23 2.76 -1.47
C PHE B 381 -2.33 2.24 -0.55
N GLU B 382 -3.39 1.65 -1.09
CA GLU B 382 -4.42 1.09 -0.25
C GLU B 382 -3.86 0.00 0.67
N ASN B 383 -3.01 -0.87 0.13
CA ASN B 383 -2.37 -1.93 0.90
C ASN B 383 -0.86 -1.75 0.86
N PRO B 384 -0.22 -1.36 1.97
CA PRO B 384 1.23 -1.13 1.95
C PRO B 384 2.05 -2.36 1.59
N SER B 385 1.59 -3.57 1.95
CA SER B 385 2.34 -4.78 1.65
C SER B 385 2.43 -5.06 0.16
N ALA B 386 1.62 -4.40 -0.66
CA ALA B 386 1.67 -4.59 -2.10
C ALA B 386 2.85 -3.88 -2.77
N ILE B 387 3.49 -2.93 -2.08
CA ILE B 387 4.58 -2.15 -2.67
C ILE B 387 5.87 -2.93 -2.48
N PRO B 388 6.61 -3.23 -3.55
CA PRO B 388 7.87 -3.97 -3.42
C PRO B 388 8.89 -3.23 -2.57
N GLN B 389 9.84 -3.99 -2.05
CA GLN B 389 10.83 -3.44 -1.14
C GLN B 389 11.76 -2.51 -1.92
N HIS B 390 12.02 -1.33 -1.34
CA HIS B 390 12.90 -0.30 -1.90
C HIS B 390 12.37 0.30 -3.21
N ALA B 391 11.06 0.19 -3.47
CA ALA B 391 10.47 0.87 -4.62
C ALA B 391 10.05 2.30 -4.31
N PHE B 392 9.83 2.61 -3.03
CA PHE B 392 9.27 3.89 -2.58
C PHE B 392 10.23 4.44 -1.52
N LYS B 393 10.96 5.51 -1.87
CA LYS B 393 12.08 5.97 -1.03
C LYS B 393 12.09 7.48 -0.79
N PRO B 394 10.94 8.08 -0.44
CA PRO B 394 10.95 9.54 -0.25
C PRO B 394 11.68 10.00 1.01
N PHE B 395 11.95 9.12 1.97
CA PHE B 395 12.56 9.51 3.23
C PHE B 395 13.97 8.93 3.42
N GLY B 396 14.65 8.62 2.33
CA GLY B 396 15.99 8.06 2.45
C GLY B 396 15.97 6.57 2.74
N ASN B 397 17.08 6.09 3.30
CA ASN B 397 17.29 4.65 3.43
C ASN B 397 18.04 4.32 4.72
N GLY B 398 17.62 3.23 5.36
CA GLY B 398 18.40 2.60 6.40
C GLY B 398 18.52 3.45 7.66
N GLN B 399 19.66 3.31 8.33
CA GLN B 399 19.89 4.07 9.55
C GLN B 399 20.10 5.56 9.27
N ARG B 400 20.34 5.94 8.02
CA ARG B 400 20.43 7.34 7.64
C ARG B 400 19.14 7.85 7.00
N ALA B 401 18.04 7.14 7.19
CA ALA B 401 16.73 7.60 6.74
C ALA B 401 16.30 8.82 7.54
N CYS B 402 15.22 9.47 7.09
CA CYS B 402 14.74 10.68 7.72
C CYS B 402 14.26 10.42 9.14
N ILE B 403 14.87 11.09 10.11
CA ILE B 403 14.45 10.93 11.50
C ILE B 403 13.12 11.62 11.78
N GLY B 404 12.76 12.64 11.00
CA GLY B 404 11.53 13.37 11.25
C GLY B 404 10.37 12.91 10.40
N GLN B 405 10.47 11.71 9.83
CA GLN B 405 9.45 11.21 8.92
C GLN B 405 8.07 11.21 9.57
N GLN B 406 7.95 10.64 10.76
CA GLN B 406 6.64 10.54 11.41
C GLN B 406 6.11 11.91 11.81
N PHE B 407 7.00 12.79 12.27
CA PHE B 407 6.61 14.17 12.55
C PHE B 407 6.04 14.84 11.31
N ALA B 408 6.74 14.72 10.18
CA ALA B 408 6.29 15.36 8.95
C ALA B 408 4.95 14.79 8.48
N LEU B 409 4.80 13.47 8.53
CA LEU B 409 3.56 12.87 8.06
C LEU B 409 2.39 13.18 8.99
N HIS B 410 2.66 13.31 10.30
CA HIS B 410 1.59 13.69 11.21
C HIS B 410 1.15 15.13 10.99
N GLU B 411 2.11 16.05 10.88
CA GLU B 411 1.79 17.45 10.62
C GLU B 411 0.99 17.59 9.33
N ALA B 412 1.45 16.95 8.25
CA ALA B 412 0.79 17.11 6.96
C ALA B 412 -0.61 16.51 6.95
N THR B 413 -0.78 15.36 7.62
CA THR B 413 -2.10 14.74 7.67
C THR B 413 -3.07 15.58 8.48
N LEU B 414 -2.62 16.12 9.61
CA LEU B 414 -3.45 17.01 10.40
C LEU B 414 -3.86 18.24 9.59
N VAL B 415 -2.88 18.87 8.94
CA VAL B 415 -3.15 20.12 8.24
C VAL B 415 -4.05 19.89 7.04
N LEU B 416 -3.72 18.89 6.21
CA LEU B 416 -4.54 18.58 5.04
C LEU B 416 -5.96 18.20 5.44
N GLY B 417 -6.11 17.42 6.51
CA GLY B 417 -7.43 17.04 6.97
C GLY B 417 -8.27 18.24 7.39
N MET B 418 -7.67 19.16 8.16
CA MET B 418 -8.40 20.36 8.56
C MET B 418 -8.73 21.23 7.35
N MET B 419 -7.80 21.33 6.39
CA MET B 419 -8.06 22.09 5.18
C MET B 419 -9.26 21.54 4.42
N LEU B 420 -9.33 20.21 4.29
CA LEU B 420 -10.42 19.60 3.53
C LEU B 420 -11.74 19.66 4.27
N LYS B 421 -11.70 19.69 5.60
CA LYS B 421 -12.92 19.78 6.38
C LYS B 421 -13.55 21.16 6.31
N HIS B 422 -12.72 22.21 6.25
CA HIS B 422 -13.21 23.57 6.43
C HIS B 422 -13.40 24.35 5.13
N PHE B 423 -12.86 23.88 4.01
CA PHE B 423 -12.90 24.70 2.80
C PHE B 423 -13.18 23.84 1.57
N ASP B 424 -13.87 24.47 0.62
CA ASP B 424 -13.93 23.99 -0.76
C ASP B 424 -12.95 24.82 -1.58
N PHE B 425 -12.15 24.15 -2.40
CA PHE B 425 -11.07 24.80 -3.12
C PHE B 425 -11.37 24.85 -4.61
N GLU B 426 -10.89 25.92 -5.25
CA GLU B 426 -11.11 26.15 -6.68
C GLU B 426 -9.79 26.48 -7.34
N ASP B 427 -9.51 25.84 -8.47
CA ASP B 427 -8.37 26.16 -9.31
C ASP B 427 -8.79 27.21 -10.35
N HIS B 428 -8.97 28.44 -9.85
CA HIS B 428 -9.60 29.50 -10.62
C HIS B 428 -8.72 30.02 -11.75
N THR B 429 -7.42 29.78 -11.70
CA THR B 429 -6.50 30.21 -12.75
C THR B 429 -6.13 29.08 -13.70
N ASN B 430 -6.66 27.88 -13.49
CA ASN B 430 -6.24 26.70 -14.24
C ASN B 430 -4.72 26.60 -14.21
N TYR B 431 -4.20 26.42 -13.00
CA TYR B 431 -2.77 26.60 -12.75
C TYR B 431 -1.95 25.56 -13.51
N GLU B 432 -0.95 26.05 -14.24
CA GLU B 432 -0.03 25.19 -14.97
C GLU B 432 1.16 24.90 -14.06
N LEU B 433 1.39 23.63 -13.74
CA LEU B 433 2.38 23.26 -12.75
C LEU B 433 3.75 23.79 -13.13
N ASP B 434 4.35 24.58 -12.23
CA ASP B 434 5.70 25.10 -12.41
C ASP B 434 6.51 24.74 -11.18
N ILE B 435 7.46 23.82 -11.34
CA ILE B 435 8.20 23.29 -10.21
C ILE B 435 9.49 24.10 -10.05
N LYS B 436 9.56 24.88 -8.99
CA LYS B 436 10.78 25.58 -8.63
C LYS B 436 11.74 24.64 -7.92
N GLU B 437 13.04 24.84 -8.16
CA GLU B 437 14.07 24.00 -7.58
C GLU B 437 15.04 24.86 -6.78
N THR B 438 15.19 24.52 -5.50
CA THR B 438 16.34 24.94 -4.71
C THR B 438 17.20 23.72 -4.48
N LEU B 439 17.41 23.33 -3.22
CA LEU B 439 17.83 21.97 -2.93
C LEU B 439 16.64 21.02 -2.81
N THR B 440 15.42 21.57 -2.82
CA THR B 440 14.19 20.79 -2.75
C THR B 440 13.25 21.27 -3.87
N LEU B 441 12.05 20.69 -3.92
CA LEU B 441 11.08 20.95 -4.98
C LEU B 441 9.81 21.57 -4.42
N LYS B 442 9.30 22.59 -5.10
CA LYS B 442 8.04 23.23 -4.74
C LYS B 442 7.34 23.71 -5.99
N PRO B 443 6.00 23.73 -6.00
CA PRO B 443 5.27 24.39 -7.10
C PRO B 443 5.27 25.89 -6.89
N GLU B 444 5.81 26.62 -7.87
CA GLU B 444 5.88 28.07 -7.79
C GLU B 444 4.64 28.72 -8.40
N GLY B 445 4.11 29.71 -7.70
CA GLY B 445 2.96 30.45 -8.19
C GLY B 445 1.63 29.74 -8.05
N PHE B 446 1.60 28.60 -7.38
CA PHE B 446 0.35 27.87 -7.21
C PHE B 446 -0.60 28.67 -6.33
N VAL B 447 -1.76 29.02 -6.86
CA VAL B 447 -2.76 29.79 -6.14
C VAL B 447 -4.11 29.11 -6.24
N VAL B 448 -4.92 29.25 -5.19
CA VAL B 448 -6.28 28.73 -5.17
C VAL B 448 -7.19 29.76 -4.51
N LYS B 449 -8.49 29.58 -4.72
CA LYS B 449 -9.53 30.25 -3.97
C LYS B 449 -10.22 29.21 -3.08
N ALA B 450 -10.51 29.59 -1.85
CA ALA B 450 -11.16 28.69 -0.89
C ALA B 450 -12.43 29.34 -0.37
N LYS B 451 -13.55 28.62 -0.47
CA LYS B 451 -14.81 29.08 0.08
C LYS B 451 -15.12 28.25 1.31
N SER B 452 -15.28 28.92 2.44
CA SER B 452 -15.44 28.23 3.72
C SER B 452 -16.75 27.47 3.76
N LYS B 453 -16.72 26.32 4.42
CA LYS B 453 -17.94 25.59 4.72
C LYS B 453 -18.60 26.07 6.00
N LYS B 454 -18.04 27.10 6.63
CA LYS B 454 -18.61 27.72 7.84
C LYS B 454 -18.81 26.71 8.96
N ILE B 455 -17.75 25.96 9.24
CA ILE B 455 -17.69 25.05 10.37
C ILE B 455 -16.78 25.67 11.42
N PRO B 456 -17.29 26.04 12.59
CA PRO B 456 -16.47 26.76 13.57
C PRO B 456 -15.43 25.88 14.25
N LEU B 457 -14.45 26.55 14.86
CA LEU B 457 -13.37 25.88 15.57
C LEU B 457 -13.63 25.92 17.08
CHA HEM C . -7.67 -14.31 2.93
CHB HEM C . -10.72 -14.06 -0.85
CHC HEM C . -7.50 -16.37 -3.65
CHD HEM C . -4.89 -17.33 0.32
C1A HEM C . -8.77 -14.01 2.16
C2A HEM C . -9.93 -13.25 2.58
C3A HEM C . -10.77 -13.20 1.53
C4A HEM C . -10.17 -13.90 0.41
CMA HEM C . -12.14 -12.50 1.50
CAA HEM C . -10.15 -12.65 3.98
CBA HEM C . -11.03 -13.58 4.80
CGA HEM C . -11.20 -13.08 6.23
O1A HEM C . -11.59 -13.90 7.11
O2A HEM C . -10.95 -11.88 6.48
C1B HEM C . -10.12 -14.64 -1.95
C2B HEM C . -10.66 -14.70 -3.28
C3B HEM C . -9.76 -15.34 -4.06
C4B HEM C . -8.62 -15.70 -3.24
CMB HEM C . -12.04 -14.11 -3.68
CAB HEM C . -9.81 -15.70 -5.57
CBB HEM C . -10.84 -15.45 -6.39
C1C HEM C . -6.49 -16.83 -2.83
C2C HEM C . -5.29 -17.55 -3.24
C3C HEM C . -4.58 -17.81 -2.13
C4C HEM C . -5.29 -17.26 -1.00
CMC HEM C . -4.98 -17.90 -4.72
CAC HEM C . -3.22 -18.54 -1.96
CBC HEM C . -2.53 -19.10 -2.94
C1D HEM C . -5.39 -16.58 1.37
C2D HEM C . -4.84 -16.51 2.70
C3D HEM C . -5.61 -15.69 3.42
C4D HEM C . -6.66 -15.19 2.56
CMD HEM C . -3.60 -17.28 3.20
CAD HEM C . -5.40 -15.29 4.90
CBD HEM C . -4.51 -14.06 4.92
CGD HEM C . -4.28 -13.58 6.34
O1D HEM C . -3.09 -13.37 6.70
O2D HEM C . -5.26 -13.39 7.08
NA HEM C . -8.95 -14.39 0.84
NB HEM C . -8.88 -15.25 -1.95
NC HEM C . -6.45 -16.67 -1.46
ND HEM C . -6.50 -15.76 1.33
FE HEM C . -7.68 -15.51 -0.34
N HOA D . -8.70 -17.77 0.39
O HOA D . -9.57 -17.69 -0.70
C1 IC6 E . -12.10 -18.48 1.84
C3 IC6 E . -11.41 -16.58 2.56
C4 IC6 E . -12.26 -17.14 3.50
C6 IC6 E . -13.58 -19.23 3.66
C7 IC6 E . -14.57 -18.49 4.56
C8 IC6 E . -15.97 -18.46 3.97
C09 IC6 E . -16.88 -17.46 4.68
C10 IC6 E . -17.81 -18.12 5.70
C11 IC6 E . -19.02 -17.24 5.96
C13 IC6 E . -21.53 -16.89 5.86
C14 IC6 E . -21.81 -16.68 7.34
C17 IC6 E . -22.76 -17.52 5.20
C18 IC6 E . -23.03 -18.95 5.65
C19 IC6 E . -22.45 -20.01 4.98
C20 IC6 E . -22.69 -21.32 5.39
C21 IC6 E . -23.52 -21.56 6.47
C22 IC6 E . -24.10 -20.49 7.14
C23 IC6 E . -23.87 -19.19 6.73
N2 IC6 E . -11.33 -17.44 1.55
N5 IC6 E . -12.67 -18.31 3.01
N12 IC6 E . -20.35 -17.72 5.62
O15 IC6 E . -22.63 -15.78 7.68
O16 IC6 E . -21.25 -17.39 8.20
O24 IC6 E . -18.88 -16.17 6.45
N1 4MN F . -12.42 -21.96 0.87
C5 4MN F . -11.74 -22.18 2.13
C6 4MN F . -12.41 -22.75 3.21
C4 4MN F . -10.40 -21.83 2.26
C3 4MN F . -9.75 -22.04 3.47
C2 4MN F . -10.42 -22.60 4.53
C1 4MN F . -9.68 -22.84 5.85
C7 4MN F . -11.74 -22.96 4.41
C1 IC6 G . -12.69 -17.13 3.52
C3 IC6 G . -11.97 -18.32 1.90
C4 IC6 G . -13.01 -18.99 2.53
C6 IC6 G . -14.53 -18.51 4.47
C7 IC6 G . -15.96 -18.12 4.06
C8 IC6 G . -16.73 -17.29 5.11
C09 IC6 G . -18.14 -17.77 5.52
C10 IC6 G . -18.84 -17.03 6.70
C11 IC6 G . -20.35 -17.29 6.75
C13 IC6 G . -21.35 -17.26 9.37
C14 IC6 G . -20.34 -17.99 10.28
C17 IC6 G . -22.77 -17.78 9.68
C18 IC6 G . -23.28 -18.04 11.11
C19 IC6 G . -23.23 -19.31 11.67
C20 IC6 G . -23.73 -19.52 12.96
C21 IC6 G . -24.30 -18.49 13.67
C22 IC6 G . -24.37 -17.23 13.11
C23 IC6 G . -23.88 -17.01 11.83
N2 IC6 G . -11.80 -17.17 2.54
N5 IC6 G . -13.45 -18.20 3.52
N12 IC6 G . -21.28 -17.40 7.90
O15 IC6 G . -20.37 -17.75 11.52
O16 IC6 G . -19.48 -18.79 9.83
O24 IC6 G . -20.89 -17.47 5.70
CHA HEM H . 17.08 13.00 6.48
CHB HEM H . 13.39 13.67 3.39
CHC HEM H . 10.90 15.99 6.86
CHD HEM H . 14.83 15.92 9.66
C1A HEM H . 16.31 12.94 5.34
C2A HEM H . 16.63 12.26 4.09
C3A HEM H . 15.61 12.46 3.24
C4A HEM H . 14.59 13.26 3.92
CMA HEM H . 15.51 11.92 1.80
CAA HEM H . 17.93 11.48 3.79
CBA HEM H . 18.90 12.37 3.02
CGA HEM H . 20.21 11.68 2.78
O1A HEM H . 21.21 12.38 2.47
O2A HEM H . 20.29 10.41 2.87
C1B HEM H . 12.37 14.32 4.06
C2B HEM H . 11.04 14.60 3.56
C3B HEM H . 10.35 15.24 4.52
C4B HEM H . 11.23 15.38 5.66
CMB HEM H . 10.55 14.19 2.14
CAB HEM H . 8.90 15.79 4.55
CBB HEM H . 8.04 15.74 3.53
C1C HEM H . 11.73 16.16 7.94
C2C HEM H . 11.37 16.74 9.22
C3C HEM H . 12.48 16.72 10.00
C4C HEM H . 13.55 16.13 9.22
CMC HEM H . 9.96 17.26 9.57
CAC HEM H . 12.70 17.18 11.46
CBC HEM H . 11.77 17.72 12.25
C1D HEM H . 15.77 15.11 9.06
C2D HEM H . 17.07 14.77 9.60
C3D HEM H . 17.69 13.97 8.72
C4D HEM H . 16.81 13.75 7.60
CMD HEM H . 17.64 15.27 10.95
CAD HEM H . 19.09 13.35 8.90
CBD HEM H . 18.88 12.05 9.67
CGD HEM H . 20.18 11.32 9.90
O1D HEM H . 20.48 10.98 11.07
O2D HEM H . 20.92 11.08 8.91
NA HEM H . 15.06 13.53 5.19
NB HEM H . 12.45 14.81 5.35
NC HEM H . 13.06 15.80 7.97
ND HEM H . 15.65 14.48 7.84
FE HEM H . 14.08 14.64 6.58
N HOA I . 14.92 16.45 5.69
O HOA I . 14.05 17.51 5.36
C1 IC6 J . 16.50 17.69 2.47
C3 IC6 J . 16.85 15.62 2.89
C4 IC6 J . 17.99 16.15 2.30
C6 IC6 J . 18.65 18.40 1.46
C7 IC6 J . 19.46 17.74 0.34
C8 IC6 J . 18.82 17.93 -1.03
C09 IC6 J . 19.36 16.95 -2.06
C10 IC6 J . 20.57 17.49 -2.83
C11 IC6 J . 20.74 16.75 -4.16
C13 IC6 J . 20.64 16.79 -6.69
C14 IC6 J . 22.08 16.43 -7.00
C17 IC6 J . 20.04 17.65 -7.81
C18 IC6 J . 20.70 19.02 -7.96
C19 IC6 J . 20.24 20.10 -7.22
C20 IC6 J . 20.84 21.34 -7.37
C21 IC6 J . 21.90 21.50 -8.26
C22 IC6 J . 22.36 20.43 -9.00
C23 IC6 J . 21.75 19.19 -8.85
N2 IC6 J . 15.96 16.60 2.96
N5 IC6 J . 17.73 17.44 2.06
N12 IC6 J . 20.50 17.46 -5.41
O15 IC6 J . 22.32 15.55 -7.87
O16 IC6 J . 23.03 17.00 -6.40
O24 IC6 J . 21.07 15.62 -4.16
N1 4MN K . 16.27 21.40 2.65
C5 4MN K . 17.54 21.33 3.35
C6 4MN K . 18.69 21.88 2.80
C4 4MN K . 17.60 20.72 4.60
C3 4MN K . 18.80 20.67 5.29
C2 4MN K . 19.95 21.20 4.72
C1 4MN K . 21.27 21.13 5.48
C7 4MN K . 19.89 21.81 3.48
C1 IC6 L . 18.03 16.24 1.62
C3 IC6 L . 16.69 17.67 2.46
C4 IC6 L . 17.58 18.32 1.61
C6 IC6 L . 19.49 17.63 0.17
C7 IC6 L . 19.11 17.30 -1.28
C8 IC6 L . 20.21 16.59 -2.08
C09 IC6 L . 20.98 17.47 -3.08
C10 IC6 L . 21.82 16.70 -4.12
C11 IC6 L . 21.70 17.40 -5.49
C13 IC6 L . 24.01 16.81 -6.72
C14 IC6 L . 25.05 17.25 -5.69
C17 IC6 L . 24.44 17.22 -8.14
C18 IC6 L . 25.91 17.39 -8.52
C19 IC6 L . 26.58 18.58 -8.29
C20 IC6 L . 27.91 18.71 -8.65
C21 IC6 L . 28.57 17.67 -9.26
C22 IC6 L . 27.91 16.48 -9.52
C23 IC6 L . 26.58 16.34 -9.15
N2 IC6 L . 17.00 16.38 2.44
N5 IC6 L . 18.39 17.40 1.11
N12 IC6 L . 22.68 17.41 -6.57
O15 IC6 L . 24.78 18.16 -4.85
O16 IC6 L . 26.19 16.71 -5.67
O24 IC6 L . 20.69 17.99 -5.69
#